data_7XR5
#
_entry.id   7XR5
#
_cell.length_a   76.282
_cell.length_b   120.013
_cell.length_c   76.458
_cell.angle_alpha   90.000
_cell.angle_beta   117.178
_cell.angle_gamma   90.000
#
_symmetry.space_group_name_H-M   'P 1 21 1'
#
loop_
_entity.id
_entity.type
_entity.pdbx_description
1 polymer '6-phosphogluconate dehydrogenase NAD-binding'
2 non-polymer 'NADP NICOTINAMIDE-ADENINE-DINUCLEOTIDE PHOSPHATE'
3 non-polymer 3,6,9,12,15,18,21,24,27,30,33,36,39,42,45,48,51,54,57-nonadecaoxanonapentacontane-1,59-diol
4 water water
#
_entity_poly.entity_id   1
_entity_poly.type   'polypeptide(L)'
_entity_poly.pdbx_seq_one_letter_code
;MGSSHHHHHHSSGLVPRGSHMMSTPPHTTAGPAAVTVLGLGRMGSALAAAFLAAGHSTTVWNRTPGKADELAARGARRAG
SVAEAVAAAPLVVVCVADDEAVHQLLDPLDGALAGRTLVNLTTGTSAQARANAAWAKERGAAFLDGAIMAVPEDIATGDA
VLLYSGPRDAFDAYEEALRVLAPAGTTHLGGDAGLAALHDLALLGIMWGVLNGFLHGAALLGTAGVRAGDFAPLAARMTT
VVAGYVTAAAPEVDAGSYPAGDATLTVHQEAMRHLAEESEALGVNAELPRFLQLLAGRAVAEGHAESGYSALVEQFRKA
;
_entity_poly.pdbx_strand_id   A,B,C,D
#
# COMPACT_ATOMS: atom_id res chain seq x y z
N GLY A 31 26.89 6.45 26.16
CA GLY A 31 26.70 5.13 25.57
C GLY A 31 25.30 4.57 25.80
N PRO A 32 25.09 3.33 25.39
CA PRO A 32 23.77 2.69 25.61
C PRO A 32 23.36 2.73 27.07
N ALA A 33 22.12 3.14 27.31
CA ALA A 33 21.59 3.19 28.67
C ALA A 33 21.49 1.79 29.26
N ALA A 34 21.72 1.69 30.55
CA ALA A 34 21.48 0.43 31.24
C ALA A 34 19.98 0.19 31.33
N VAL A 35 19.57 -1.06 31.17
CA VAL A 35 18.17 -1.44 31.18
C VAL A 35 18.00 -2.71 32.00
N THR A 36 16.88 -2.79 32.70
CA THR A 36 16.46 -4.00 33.38
C THR A 36 15.19 -4.53 32.72
N VAL A 37 15.11 -5.84 32.53
CA VAL A 37 13.90 -6.49 32.05
C VAL A 37 13.40 -7.44 33.13
N LEU A 38 12.13 -7.26 33.55
CA LEU A 38 11.45 -8.12 34.51
C LEU A 38 10.44 -8.96 33.73
N GLY A 39 10.63 -10.27 33.72
CA GLY A 39 9.77 -11.18 32.99
C GLY A 39 10.56 -11.79 31.85
N LEU A 40 10.80 -13.10 31.92
CA LEU A 40 11.56 -13.81 30.89
C LEU A 40 10.72 -14.92 30.28
N GLY A 41 9.44 -14.63 30.07
CA GLY A 41 8.59 -15.44 29.23
C GLY A 41 9.07 -15.31 27.78
N ARG A 42 8.22 -15.79 26.87
CA ARG A 42 8.58 -15.74 25.46
C ARG A 42 8.84 -14.29 25.03
N MET A 43 7.94 -13.38 25.42
CA MET A 43 8.15 -12.03 24.92
C MET A 43 9.22 -11.29 25.74
N GLY A 44 9.21 -11.42 27.07
CA GLY A 44 10.24 -10.76 27.85
C GLY A 44 11.64 -11.19 27.46
N SER A 45 11.80 -12.50 27.20
CA SER A 45 13.08 -13.01 26.72
C SER A 45 13.49 -12.37 25.41
N ALA A 46 12.53 -12.18 24.48
CA ALA A 46 12.87 -11.51 23.23
C ALA A 46 13.28 -10.05 23.45
N LEU A 47 12.61 -9.36 24.38
CA LEU A 47 12.99 -7.98 24.68
C LEU A 47 14.42 -7.92 25.22
N ALA A 48 14.73 -8.78 26.19
CA ALA A 48 16.05 -8.77 26.80
C ALA A 48 17.13 -9.12 25.77
N ALA A 49 16.86 -10.12 24.91
CA ALA A 49 17.80 -10.46 23.85
C ALA A 49 18.06 -9.28 22.93
N ALA A 50 17.00 -8.52 22.59
CA ALA A 50 17.21 -7.37 21.71
C ALA A 50 18.06 -6.29 22.39
N PHE A 51 17.78 -5.98 23.65
CA PHE A 51 18.59 -4.97 24.34
C PHE A 51 20.05 -5.40 24.38
N LEU A 52 20.31 -6.68 24.70
CA LEU A 52 21.67 -7.19 24.79
C LEU A 52 22.38 -7.15 23.44
N ALA A 53 21.69 -7.56 22.37
CA ALA A 53 22.31 -7.59 21.05
C ALA A 53 22.67 -6.19 20.57
N ALA A 54 21.93 -5.19 21.03
CA ALA A 54 22.17 -3.79 20.68
C ALA A 54 23.23 -3.12 21.57
N GLY A 55 23.83 -3.86 22.50
CA GLY A 55 24.93 -3.35 23.30
C GLY A 55 24.58 -2.72 24.62
N HIS A 56 23.32 -2.82 25.07
CA HIS A 56 22.95 -2.27 26.36
C HIS A 56 23.40 -3.19 27.49
N SER A 57 23.87 -2.59 28.57
CA SER A 57 24.00 -3.34 29.81
C SER A 57 22.61 -3.79 30.23
N THR A 58 22.39 -5.10 30.27
CA THR A 58 21.05 -5.65 30.42
C THR A 58 21.00 -6.56 31.66
N THR A 59 20.18 -6.17 32.63
CA THR A 59 19.96 -6.96 33.83
C THR A 59 18.58 -7.60 33.73
N VAL A 60 18.48 -8.88 34.06
CA VAL A 60 17.25 -9.63 33.84
C VAL A 60 16.81 -10.32 35.13
N TRP A 61 15.50 -10.49 35.27
CA TRP A 61 14.94 -11.21 36.40
C TRP A 61 13.64 -11.87 35.98
N ASN A 62 13.38 -13.03 36.58
CA ASN A 62 12.14 -13.76 36.34
C ASN A 62 11.75 -14.45 37.65
N ARG A 63 10.44 -14.54 37.89
CA ARG A 63 9.94 -15.16 39.10
C ARG A 63 10.46 -16.59 39.27
N THR A 64 10.32 -17.41 38.24
CA THR A 64 10.77 -18.81 38.28
C THR A 64 12.22 -18.91 37.84
N PRO A 65 13.10 -19.52 38.62
CA PRO A 65 14.50 -19.62 38.22
C PRO A 65 14.69 -20.51 37.01
N GLY A 66 15.83 -20.32 36.35
CA GLY A 66 16.24 -21.16 35.25
C GLY A 66 15.95 -20.63 33.86
N LYS A 67 15.45 -19.41 33.72
CA LYS A 67 15.17 -18.86 32.39
C LYS A 67 16.13 -17.75 31.97
N ALA A 68 17.21 -17.54 32.73
CA ALA A 68 18.12 -16.44 32.48
C ALA A 68 19.52 -16.88 32.06
N ASP A 69 19.80 -18.19 31.99
CA ASP A 69 21.20 -18.57 31.86
C ASP A 69 21.75 -18.39 30.45
N GLU A 70 20.92 -18.54 29.41
CA GLU A 70 21.41 -18.25 28.06
C GLU A 70 21.68 -16.77 27.88
N LEU A 71 20.79 -15.92 28.40
CA LEU A 71 21.02 -14.47 28.34
C LEU A 71 22.27 -14.10 29.12
N ALA A 72 22.45 -14.71 30.29
CA ALA A 72 23.64 -14.43 31.08
C ALA A 72 24.90 -14.84 30.32
N ALA A 73 24.84 -15.98 29.62
CA ALA A 73 25.99 -16.42 28.85
C ALA A 73 26.29 -15.48 27.70
N ARG A 74 25.28 -14.75 27.21
CA ARG A 74 25.50 -13.73 26.18
C ARG A 74 25.88 -12.37 26.75
N GLY A 75 25.97 -12.22 28.08
CA GLY A 75 26.38 -10.96 28.67
C GLY A 75 25.36 -10.31 29.59
N ALA A 76 24.14 -10.81 29.70
CA ALA A 76 23.20 -10.22 30.64
C ALA A 76 23.62 -10.50 32.09
N ARG A 77 23.23 -9.60 32.98
CA ARG A 77 23.40 -9.80 34.42
C ARG A 77 22.18 -10.52 34.98
N ARG A 78 22.37 -11.73 35.51
CA ARG A 78 21.29 -12.47 36.16
C ARG A 78 21.12 -11.91 37.57
N ALA A 79 20.13 -11.04 37.75
CA ALA A 79 19.89 -10.44 39.05
C ALA A 79 19.49 -11.50 40.06
N GLY A 80 19.93 -11.31 41.30
CA GLY A 80 19.60 -12.26 42.35
C GLY A 80 18.25 -12.06 43.01
N SER A 81 17.54 -10.98 42.67
CA SER A 81 16.31 -10.59 43.34
C SER A 81 15.68 -9.48 42.53
N VAL A 82 14.37 -9.26 42.74
CA VAL A 82 13.71 -8.13 42.11
C VAL A 82 14.36 -6.82 42.51
N ALA A 83 14.65 -6.68 43.82
CA ALA A 83 15.20 -5.42 44.31
C ALA A 83 16.53 -5.11 43.64
N GLU A 84 17.39 -6.13 43.49
CA GLU A 84 18.65 -5.88 42.80
C GLU A 84 18.40 -5.52 41.34
N ALA A 85 17.46 -6.20 40.69
CA ALA A 85 17.18 -5.92 39.29
C ALA A 85 16.73 -4.48 39.10
N VAL A 86 15.78 -4.03 39.93
CA VAL A 86 15.24 -2.69 39.78
C VAL A 86 16.30 -1.65 40.13
N ALA A 87 17.18 -1.96 41.10
CA ALA A 87 18.24 -1.04 41.44
C ALA A 87 19.33 -0.98 40.38
N ALA A 88 19.38 -1.97 39.48
CA ALA A 88 20.48 -2.07 38.53
C ALA A 88 20.44 -1.04 37.41
N ALA A 89 19.27 -0.46 37.11
CA ALA A 89 19.16 0.38 35.91
C ALA A 89 18.11 1.45 36.13
N PRO A 90 18.25 2.61 35.49
CA PRO A 90 17.22 3.64 35.62
C PRO A 90 15.99 3.37 34.77
N LEU A 91 16.11 2.46 33.79
CA LEU A 91 15.03 2.09 32.88
C LEU A 91 14.63 0.65 33.19
N VAL A 92 13.41 0.47 33.66
CA VAL A 92 12.91 -0.84 34.09
C VAL A 92 11.75 -1.19 33.18
N VAL A 93 11.93 -2.22 32.35
CA VAL A 93 10.93 -2.70 31.40
C VAL A 93 10.30 -3.96 31.98
N VAL A 94 8.98 -3.96 32.14
CA VAL A 94 8.26 -5.08 32.75
C VAL A 94 7.42 -5.73 31.65
N CYS A 95 7.49 -7.05 31.56
CA CYS A 95 6.70 -7.78 30.56
C CYS A 95 6.31 -9.12 31.18
N VAL A 96 5.19 -9.12 31.91
CA VAL A 96 4.73 -10.33 32.57
C VAL A 96 3.28 -10.58 32.16
N ALA A 97 2.62 -11.58 32.75
CA ALA A 97 1.34 -12.03 32.22
C ALA A 97 0.25 -10.96 32.31
N ASP A 98 0.13 -10.28 33.45
CA ASP A 98 -0.99 -9.35 33.65
C ASP A 98 -0.63 -8.36 34.76
N ASP A 99 -1.54 -7.41 35.00
CA ASP A 99 -1.29 -6.34 35.96
C ASP A 99 -1.14 -6.87 37.38
N GLU A 100 -1.88 -7.93 37.73
CA GLU A 100 -1.70 -8.57 39.03
C GLU A 100 -0.26 -9.00 39.25
N ALA A 101 0.35 -9.62 38.23
CA ALA A 101 1.75 -10.01 38.34
C ALA A 101 2.67 -8.80 38.46
N VAL A 102 2.39 -7.74 37.68
CA VAL A 102 3.20 -6.53 37.79
C VAL A 102 3.25 -6.05 39.23
N HIS A 103 2.08 -6.01 39.88
CA HIS A 103 2.07 -5.48 41.23
C HIS A 103 2.59 -6.47 42.25
N GLN A 104 2.48 -7.78 41.99
CA GLN A 104 3.15 -8.73 42.88
C GLN A 104 4.66 -8.53 42.87
N LEU A 105 5.23 -8.22 41.70
CA LEU A 105 6.65 -7.94 41.62
C LEU A 105 7.03 -6.61 42.25
N LEU A 106 6.23 -5.56 42.02
CA LEU A 106 6.69 -4.21 42.31
C LEU A 106 6.15 -3.62 43.61
N ASP A 107 4.99 -4.04 44.08
CA ASP A 107 4.44 -3.41 45.30
C ASP A 107 5.35 -3.59 46.51
N PRO A 108 6.00 -4.74 46.74
CA PRO A 108 6.83 -4.89 47.95
C PRO A 108 8.05 -3.99 47.97
N LEU A 109 8.43 -3.40 46.84
CA LEU A 109 9.58 -2.50 46.83
C LEU A 109 9.26 -1.25 47.65
N ASP A 110 10.20 -0.87 48.51
CA ASP A 110 10.05 0.28 49.40
C ASP A 110 11.00 1.37 48.91
N GLY A 111 10.47 2.32 48.14
CA GLY A 111 11.25 3.42 47.65
C GLY A 111 12.22 3.10 46.53
N ALA A 112 12.30 1.84 46.10
CA ALA A 112 13.28 1.47 45.08
C ALA A 112 12.97 2.09 43.73
N LEU A 113 11.71 2.45 43.47
CA LEU A 113 11.27 2.94 42.18
C LEU A 113 11.48 4.44 41.99
N ALA A 114 11.73 5.18 43.07
CA ALA A 114 11.89 6.63 42.95
C ALA A 114 13.04 6.99 42.02
N GLY A 115 12.78 7.92 41.11
CA GLY A 115 13.77 8.36 40.15
C GLY A 115 13.94 7.46 38.95
N ARG A 116 13.27 6.32 38.90
CA ARG A 116 13.40 5.43 37.76
C ARG A 116 12.23 5.59 36.80
N THR A 117 12.42 5.04 35.61
CA THR A 117 11.42 5.08 34.56
C THR A 117 10.91 3.67 34.35
N LEU A 118 9.62 3.46 34.62
CA LEU A 118 8.98 2.16 34.50
C LEU A 118 8.27 2.10 33.15
N VAL A 119 8.59 1.10 32.34
CA VAL A 119 7.96 0.90 31.03
C VAL A 119 7.24 -0.44 31.09
N ASN A 120 5.91 -0.39 31.09
CA ASN A 120 5.10 -1.60 31.29
C ASN A 120 4.61 -2.09 29.95
N LEU A 121 5.20 -3.18 29.45
CA LEU A 121 4.77 -3.77 28.19
C LEU A 121 3.82 -4.95 28.39
N THR A 122 3.45 -5.22 29.64
CA THR A 122 2.37 -6.15 29.97
C THR A 122 1.05 -5.72 29.35
N THR A 123 0.32 -6.67 28.76
CA THR A 123 -1.01 -6.38 28.23
C THR A 123 -1.97 -6.00 29.35
N GLY A 124 -2.70 -4.90 29.14
CA GLY A 124 -3.63 -4.43 30.16
C GLY A 124 -4.65 -3.50 29.54
N THR A 125 -5.55 -3.02 30.39
CA THR A 125 -6.59 -2.10 29.94
C THR A 125 -6.14 -0.64 30.06
N SER A 126 -6.91 0.25 29.42
CA SER A 126 -6.60 1.68 29.55
C SER A 126 -6.75 2.14 31.00
N ALA A 127 -7.75 1.60 31.71
CA ALA A 127 -7.94 1.97 33.10
C ALA A 127 -6.79 1.49 33.97
N GLN A 128 -6.27 0.29 33.70
CA GLN A 128 -5.11 -0.20 34.43
C GLN A 128 -3.89 0.68 34.19
N ALA A 129 -3.70 1.12 32.94
CA ALA A 129 -2.56 1.98 32.65
C ALA A 129 -2.69 3.34 33.33
N ARG A 130 -3.90 3.93 33.33
CA ARG A 130 -4.08 5.23 33.97
C ARG A 130 -3.91 5.14 35.49
N ALA A 131 -4.41 4.05 36.08
CA ALA A 131 -4.21 3.81 37.52
C ALA A 131 -2.74 3.59 37.83
N ASN A 132 -2.03 2.85 36.97
CA ASN A 132 -0.61 2.62 37.18
C ASN A 132 0.18 3.91 37.08
N ALA A 133 -0.20 4.81 36.17
CA ALA A 133 0.47 6.09 36.10
C ALA A 133 0.34 6.85 37.41
N ALA A 134 -0.87 6.86 37.99
CA ALA A 134 -1.04 7.54 39.29
C ALA A 134 -0.19 6.88 40.39
N TRP A 135 -0.25 5.55 40.46
CA TRP A 135 0.55 4.78 41.42
C TRP A 135 2.04 5.07 41.30
N ALA A 136 2.55 5.03 40.07
CA ALA A 136 3.97 5.28 39.84
C ALA A 136 4.36 6.70 40.20
N LYS A 137 3.51 7.66 39.86
CA LYS A 137 3.80 9.05 40.21
C LYS A 137 3.89 9.22 41.71
N GLU A 138 3.00 8.58 42.46
CA GLU A 138 3.10 8.60 43.91
C GLU A 138 4.43 8.04 44.39
N ARG A 139 4.95 7.03 43.69
CA ARG A 139 6.21 6.43 44.13
C ARG A 139 7.45 7.12 43.54
N GLY A 140 7.28 8.28 42.90
CA GLY A 140 8.40 9.01 42.35
C GLY A 140 8.96 8.48 41.06
N ALA A 141 8.26 7.56 40.40
CA ALA A 141 8.73 6.97 39.16
C ALA A 141 8.00 7.60 37.97
N ALA A 142 8.72 7.71 36.86
CA ALA A 142 8.08 8.00 35.59
C ALA A 142 7.50 6.69 35.06
N PHE A 143 6.42 6.81 34.29
CA PHE A 143 5.70 5.61 33.87
C PHE A 143 5.27 5.76 32.42
N LEU A 144 5.68 4.81 31.58
CA LEU A 144 5.16 4.67 30.23
C LEU A 144 4.45 3.34 30.14
N ASP A 145 3.20 3.36 29.68
CA ASP A 145 2.53 2.14 29.26
C ASP A 145 2.80 1.89 27.78
N GLY A 146 3.09 0.64 27.45
CA GLY A 146 3.37 0.25 26.09
C GLY A 146 2.50 -0.88 25.60
N ALA A 147 2.29 -0.91 24.29
CA ALA A 147 1.57 -1.97 23.62
C ALA A 147 2.44 -2.53 22.52
N ILE A 148 2.78 -3.81 22.62
CA ILE A 148 3.61 -4.49 21.64
C ILE A 148 2.72 -5.03 20.53
N MET A 149 2.96 -4.55 19.31
CA MET A 149 2.22 -4.89 18.11
C MET A 149 3.18 -5.71 17.26
N ALA A 150 3.41 -6.95 17.74
CA ALA A 150 4.46 -7.84 17.23
C ALA A 150 4.42 -9.16 17.97
N VAL A 151 4.92 -10.23 17.34
CA VAL A 151 5.17 -11.48 18.04
C VAL A 151 6.63 -11.46 18.49
N PRO A 152 7.04 -12.33 19.42
CA PRO A 152 8.41 -12.23 19.95
C PRO A 152 9.48 -12.29 18.89
N GLU A 153 9.33 -13.17 17.88
CA GLU A 153 10.33 -13.30 16.84
C GLU A 153 10.48 -12.04 15.99
N ASP A 154 9.50 -11.14 16.03
CA ASP A 154 9.58 -9.93 15.21
C ASP A 154 10.12 -8.72 15.99
N ILE A 155 10.32 -8.85 17.31
CA ILE A 155 11.03 -7.81 18.06
C ILE A 155 12.39 -7.55 17.42
N ALA A 156 12.74 -6.27 17.33
CA ALA A 156 13.94 -5.71 16.74
C ALA A 156 13.93 -5.76 15.21
N THR A 157 12.87 -6.23 14.57
CA THR A 157 12.73 -6.18 13.13
C THR A 157 11.91 -4.97 12.71
N GLY A 158 11.96 -4.70 11.40
CA GLY A 158 11.21 -3.59 10.84
C GLY A 158 9.72 -3.77 10.83
N ASP A 159 9.26 -5.00 11.10
CA ASP A 159 7.83 -5.28 11.16
C ASP A 159 7.23 -4.96 12.51
N ALA A 160 8.05 -4.83 13.55
CA ALA A 160 7.53 -4.57 14.88
C ALA A 160 7.03 -3.14 15.01
N VAL A 161 5.92 -2.96 15.75
CA VAL A 161 5.48 -1.64 16.19
C VAL A 161 5.31 -1.73 17.70
N LEU A 162 5.81 -0.73 18.43
CA LEU A 162 5.57 -0.59 19.86
C LEU A 162 5.02 0.81 20.12
N LEU A 163 3.84 0.88 20.72
CA LEU A 163 3.19 2.14 21.03
C LEU A 163 3.38 2.47 22.49
N TYR A 164 3.66 3.75 22.78
CA TYR A 164 3.95 4.19 24.14
C TYR A 164 3.08 5.38 24.50
N SER A 165 2.69 5.45 25.77
CA SER A 165 1.92 6.59 26.24
C SER A 165 2.28 6.87 27.71
N GLY A 166 2.30 8.16 28.02
CA GLY A 166 2.78 8.65 29.30
C GLY A 166 3.64 9.86 29.06
N PRO A 167 4.31 10.35 30.10
CA PRO A 167 5.01 11.65 29.97
C PRO A 167 6.06 11.65 28.87
N ARG A 168 5.97 12.66 28.01
CA ARG A 168 6.88 12.71 26.87
C ARG A 168 8.32 12.82 27.29
N ASP A 169 8.61 13.44 28.45
CA ASP A 169 10.01 13.62 28.82
C ASP A 169 10.69 12.27 29.07
N ALA A 170 9.95 11.31 29.63
CA ALA A 170 10.51 9.98 29.84
C ALA A 170 10.75 9.27 28.51
N PHE A 171 9.79 9.35 27.60
CA PHE A 171 9.99 8.75 26.29
C PHE A 171 11.20 9.36 25.58
N ASP A 172 11.30 10.69 25.59
CA ASP A 172 12.42 11.32 24.91
C ASP A 172 13.74 10.90 25.56
N ALA A 173 13.78 10.80 26.88
CA ALA A 173 15.01 10.41 27.56
C ALA A 173 15.44 9.00 27.17
N TYR A 174 14.48 8.10 26.91
CA TYR A 174 14.87 6.71 26.68
C TYR A 174 14.55 6.18 25.30
N GLU A 175 14.20 7.06 24.34
CA GLU A 175 13.81 6.57 23.02
C GLU A 175 14.97 5.83 22.34
N GLU A 176 16.19 6.31 22.52
CA GLU A 176 17.34 5.64 21.92
C GLU A 176 17.43 4.19 22.38
N ALA A 177 17.10 3.93 23.65
CA ALA A 177 17.14 2.56 24.15
C ALA A 177 15.92 1.77 23.70
N LEU A 178 14.73 2.36 23.86
CA LEU A 178 13.49 1.66 23.55
C LEU A 178 13.39 1.31 22.07
N ARG A 179 13.94 2.14 21.19
CA ARG A 179 13.75 1.88 19.77
C ARG A 179 14.45 0.61 19.30
N VAL A 180 15.35 0.01 20.10
CA VAL A 180 15.94 -1.22 19.61
C VAL A 180 14.90 -2.33 19.54
N LEU A 181 13.77 -2.19 20.25
CA LEU A 181 12.71 -3.19 20.17
C LEU A 181 11.89 -3.08 18.88
N ALA A 182 11.84 -1.88 18.30
CA ALA A 182 11.09 -1.66 17.05
C ALA A 182 11.71 -0.47 16.35
N PRO A 183 12.83 -0.68 15.65
CA PRO A 183 13.58 0.47 15.10
C PRO A 183 12.78 1.33 14.13
N ALA A 184 11.83 0.75 13.40
CA ALA A 184 11.04 1.50 12.44
C ALA A 184 9.58 1.65 12.89
N GLY A 185 9.30 1.41 14.17
CA GLY A 185 7.94 1.36 14.66
C GLY A 185 7.74 1.82 16.08
N THR A 186 8.64 2.63 16.60
CA THR A 186 8.55 3.08 17.99
C THR A 186 7.85 4.42 18.03
N THR A 187 6.68 4.47 18.67
CA THR A 187 5.77 5.61 18.54
C THR A 187 5.28 6.06 19.90
N HIS A 188 5.49 7.33 20.22
CA HIS A 188 4.88 7.93 21.41
C HIS A 188 3.56 8.60 21.02
N LEU A 189 2.50 8.26 21.74
CA LEU A 189 1.16 8.68 21.38
C LEU A 189 0.69 9.94 22.09
N GLY A 190 1.25 10.26 23.24
CA GLY A 190 0.73 11.34 24.05
C GLY A 190 0.85 11.00 25.52
N GLY A 191 0.51 11.99 26.36
CA GLY A 191 0.81 11.91 27.78
C GLY A 191 -0.15 11.09 28.60
N ASP A 192 -1.37 10.85 28.10
CA ASP A 192 -2.35 10.05 28.81
C ASP A 192 -1.91 8.59 28.75
N ALA A 193 -1.62 7.99 29.93
CA ALA A 193 -1.06 6.64 29.93
C ALA A 193 -1.97 5.60 29.30
N GLY A 194 -3.28 5.88 29.21
CA GLY A 194 -4.21 4.93 28.62
C GLY A 194 -4.19 4.86 27.10
N LEU A 195 -3.43 5.72 26.42
CA LEU A 195 -3.59 5.81 24.96
C LEU A 195 -3.07 4.57 24.24
N ALA A 196 -1.98 3.96 24.75
CA ALA A 196 -1.41 2.80 24.06
C ALA A 196 -2.41 1.66 23.95
N ALA A 197 -3.02 1.27 25.07
CA ALA A 197 -3.99 0.19 25.03
C ALA A 197 -5.10 0.51 24.04
N LEU A 198 -5.58 1.77 24.05
CA LEU A 198 -6.72 2.09 23.21
C LEU A 198 -6.32 2.07 21.74
N HIS A 199 -5.12 2.57 21.43
CA HIS A 199 -4.72 2.57 20.02
C HIS A 199 -4.52 1.15 19.54
N ASP A 200 -3.93 0.29 20.38
CA ASP A 200 -3.72 -1.09 20.00
C ASP A 200 -5.04 -1.71 19.58
N LEU A 201 -6.05 -1.55 20.43
CA LEU A 201 -7.31 -2.20 20.15
C LEU A 201 -7.97 -1.58 18.91
N ALA A 202 -7.84 -0.26 18.77
CA ALA A 202 -8.47 0.40 17.64
C ALA A 202 -7.84 -0.08 16.34
N LEU A 203 -6.51 -0.27 16.35
CA LEU A 203 -5.87 -0.72 15.13
C LEU A 203 -6.25 -2.15 14.81
N LEU A 204 -6.40 -2.99 15.85
CA LEU A 204 -6.86 -4.35 15.59
C LEU A 204 -8.25 -4.33 15.01
N GLY A 205 -9.08 -3.37 15.41
CA GLY A 205 -10.42 -3.27 14.83
C GLY A 205 -10.37 -3.12 13.32
N ILE A 206 -9.42 -2.31 12.83
CA ILE A 206 -9.26 -2.14 11.38
C ILE A 206 -8.89 -3.47 10.74
N MET A 207 -7.98 -4.20 11.39
CA MET A 207 -7.57 -5.50 10.87
C MET A 207 -8.75 -6.45 10.78
N TRP A 208 -9.59 -6.49 11.83
CA TRP A 208 -10.70 -7.43 11.78
C TRP A 208 -11.70 -7.01 10.70
N GLY A 209 -11.88 -5.70 10.53
CA GLY A 209 -12.78 -5.23 9.48
C GLY A 209 -12.32 -5.68 8.10
N VAL A 210 -11.00 -5.61 7.86
CA VAL A 210 -10.48 -6.02 6.56
C VAL A 210 -10.67 -7.51 6.38
N LEU A 211 -10.29 -8.27 7.41
CA LEU A 211 -10.27 -9.72 7.24
C LEU A 211 -11.69 -10.25 7.10
N ASN A 212 -12.63 -9.69 7.85
CA ASN A 212 -14.01 -10.12 7.70
C ASN A 212 -14.52 -9.81 6.30
N GLY A 213 -14.18 -8.62 5.78
CA GLY A 213 -14.59 -8.29 4.43
C GLY A 213 -14.00 -9.26 3.43
N PHE A 214 -12.73 -9.63 3.64
CA PHE A 214 -12.14 -10.56 2.71
C PHE A 214 -12.81 -11.91 2.80
N LEU A 215 -13.05 -12.38 4.03
CA LEU A 215 -13.51 -13.76 4.16
C LEU A 215 -14.97 -13.88 3.78
N HIS A 216 -15.78 -12.89 4.14
CA HIS A 216 -17.14 -12.90 3.65
C HIS A 216 -17.17 -12.81 2.14
N GLY A 217 -16.30 -11.97 1.56
CA GLY A 217 -16.30 -11.84 0.11
C GLY A 217 -15.87 -13.14 -0.52
N ALA A 218 -14.92 -13.84 0.14
CA ALA A 218 -14.46 -15.11 -0.38
C ALA A 218 -15.59 -16.13 -0.33
N ALA A 219 -16.42 -16.08 0.71
CA ALA A 219 -17.55 -17.00 0.76
C ALA A 219 -18.54 -16.69 -0.35
N LEU A 220 -18.82 -15.40 -0.56
CA LEU A 220 -19.80 -15.00 -1.58
C LEU A 220 -19.32 -15.44 -2.96
N LEU A 221 -18.07 -15.09 -3.28
CA LEU A 221 -17.52 -15.42 -4.59
C LEU A 221 -17.31 -16.91 -4.74
N GLY A 222 -17.13 -17.63 -3.62
CA GLY A 222 -16.95 -19.06 -3.69
C GLY A 222 -18.18 -19.76 -4.26
N THR A 223 -19.37 -19.14 -4.11
CA THR A 223 -20.57 -19.76 -4.68
C THR A 223 -20.51 -19.81 -6.20
N ALA A 224 -19.73 -18.94 -6.82
CA ALA A 224 -19.57 -18.90 -8.26
C ALA A 224 -18.29 -19.59 -8.73
N GLY A 225 -17.64 -20.33 -7.84
CA GLY A 225 -16.42 -21.03 -8.22
C GLY A 225 -15.16 -20.21 -8.19
N VAL A 226 -15.20 -19.01 -7.63
CA VAL A 226 -14.04 -18.14 -7.59
C VAL A 226 -13.10 -18.59 -6.48
N ARG A 227 -11.84 -18.82 -6.81
CA ARG A 227 -10.84 -19.16 -5.81
C ARG A 227 -10.53 -17.92 -4.97
N ALA A 228 -10.33 -18.12 -3.66
CA ALA A 228 -9.93 -17.00 -2.82
C ALA A 228 -8.62 -16.38 -3.29
N GLY A 229 -7.71 -17.19 -3.84
CA GLY A 229 -6.49 -16.61 -4.35
C GLY A 229 -6.67 -15.80 -5.63
N ASP A 230 -7.80 -15.98 -6.32
CA ASP A 230 -8.08 -15.10 -7.45
C ASP A 230 -8.68 -13.79 -6.99
N PHE A 231 -9.45 -13.82 -5.89
CA PHE A 231 -10.05 -12.61 -5.33
C PHE A 231 -9.01 -11.79 -4.61
N ALA A 232 -8.05 -12.46 -3.97
CA ALA A 232 -7.16 -11.78 -3.05
C ALA A 232 -6.40 -10.59 -3.64
N PRO A 233 -5.85 -10.64 -4.86
CA PRO A 233 -5.10 -9.44 -5.34
C PRO A 233 -5.98 -8.23 -5.48
N LEU A 234 -7.23 -8.44 -5.90
CA LEU A 234 -8.18 -7.34 -5.97
C LEU A 234 -8.56 -6.86 -4.59
N ALA A 235 -8.76 -7.78 -3.66
CA ALA A 235 -9.09 -7.40 -2.28
C ALA A 235 -7.96 -6.63 -1.63
N ALA A 236 -6.72 -7.08 -1.85
CA ALA A 236 -5.56 -6.41 -1.27
C ALA A 236 -5.39 -5.02 -1.86
N ARG A 237 -5.59 -4.89 -3.18
CA ARG A 237 -5.50 -3.56 -3.78
C ARG A 237 -6.57 -2.64 -3.24
N MET A 238 -7.80 -3.17 -3.05
CA MET A 238 -8.85 -2.35 -2.46
C MET A 238 -8.44 -1.88 -1.07
N THR A 239 -7.86 -2.78 -0.28
CA THR A 239 -7.43 -2.40 1.06
C THR A 239 -6.46 -1.23 1.00
N THR A 240 -5.48 -1.33 0.08
CA THR A 240 -4.51 -0.27 -0.04
C THR A 240 -5.18 1.05 -0.43
N VAL A 241 -6.11 0.99 -1.38
CA VAL A 241 -6.82 2.20 -1.81
C VAL A 241 -7.58 2.82 -0.65
N VAL A 242 -8.24 2.00 0.16
CA VAL A 242 -9.09 2.56 1.22
C VAL A 242 -8.27 3.20 2.32
N ALA A 243 -6.99 2.85 2.46
CA ALA A 243 -6.12 3.61 3.39
C ALA A 243 -6.19 5.12 3.11
N GLY A 244 -6.25 5.49 1.83
CA GLY A 244 -6.40 6.89 1.47
C GLY A 244 -7.74 7.47 1.86
N TYR A 245 -8.79 6.65 1.82
CA TYR A 245 -10.10 7.09 2.29
C TYR A 245 -10.08 7.40 3.78
N VAL A 246 -9.25 6.66 4.53
CA VAL A 246 -9.15 6.88 5.97
C VAL A 246 -8.60 8.27 6.25
N THR A 247 -7.46 8.60 5.62
CA THR A 247 -6.94 9.95 5.88
C THR A 247 -7.86 11.04 5.30
N ALA A 248 -8.54 10.75 4.18
CA ALA A 248 -9.49 11.73 3.65
C ALA A 248 -10.63 11.98 4.62
N ALA A 249 -11.06 10.97 5.36
CA ALA A 249 -12.22 11.10 6.24
C ALA A 249 -11.89 11.82 7.54
N ALA A 250 -10.64 11.71 7.99
CA ALA A 250 -10.30 12.23 9.31
C ALA A 250 -10.68 13.70 9.53
N PRO A 251 -10.38 14.63 8.61
CA PRO A 251 -10.77 16.03 8.88
C PRO A 251 -12.27 16.24 8.94
N GLU A 252 -13.06 15.46 8.21
CA GLU A 252 -14.50 15.55 8.31
C GLU A 252 -14.98 15.13 9.70
N VAL A 253 -14.40 14.04 10.23
CA VAL A 253 -14.72 13.62 11.60
C VAL A 253 -14.42 14.74 12.58
N ASP A 254 -13.21 15.31 12.49
CA ASP A 254 -12.84 16.33 13.46
C ASP A 254 -13.71 17.58 13.31
N ALA A 255 -14.18 17.89 12.09
CA ALA A 255 -14.99 19.08 11.87
C ALA A 255 -16.47 18.88 12.19
N GLY A 256 -16.95 17.65 12.32
CA GLY A 256 -18.37 17.42 12.44
C GLY A 256 -19.14 17.80 11.19
N SER A 257 -18.47 17.78 10.04
CA SER A 257 -19.05 18.19 8.77
C SER A 257 -18.71 17.11 7.74
N TYR A 258 -19.74 16.56 7.10
CA TYR A 258 -19.63 15.30 6.35
C TYR A 258 -20.13 15.44 4.93
N PRO A 259 -19.40 16.13 4.05
CA PRO A 259 -19.84 16.26 2.67
C PRO A 259 -19.88 14.91 1.98
N ALA A 260 -20.77 14.81 0.99
CA ALA A 260 -21.01 13.51 0.35
C ALA A 260 -19.78 13.02 -0.39
N GLY A 261 -19.02 13.93 -0.98
CA GLY A 261 -17.89 13.49 -1.79
C GLY A 261 -18.40 12.61 -2.92
N ASP A 262 -17.78 11.43 -3.07
CA ASP A 262 -18.08 10.54 -4.18
C ASP A 262 -19.31 9.67 -3.97
N ALA A 263 -19.85 9.59 -2.76
CA ALA A 263 -21.01 8.73 -2.52
C ALA A 263 -21.68 9.13 -1.22
N THR A 264 -22.96 9.46 -1.30
CA THR A 264 -23.77 9.69 -0.12
C THR A 264 -23.97 8.40 0.66
N LEU A 265 -24.41 8.55 1.91
CA LEU A 265 -24.75 7.38 2.70
C LEU A 265 -25.94 6.63 2.11
N THR A 266 -26.84 7.33 1.41
CA THR A 266 -27.92 6.63 0.72
C THR A 266 -27.36 5.64 -0.29
N VAL A 267 -26.38 6.09 -1.07
CA VAL A 267 -25.75 5.22 -2.09
C VAL A 267 -25.02 4.05 -1.42
N HIS A 268 -24.25 4.35 -0.36
CA HIS A 268 -23.62 3.28 0.41
C HIS A 268 -24.64 2.26 0.90
N GLN A 269 -25.70 2.75 1.54
CA GLN A 269 -26.69 1.87 2.15
C GLN A 269 -27.37 1.00 1.11
N GLU A 270 -27.63 1.55 -0.07
CA GLU A 270 -28.23 0.76 -1.14
C GLU A 270 -27.31 -0.38 -1.57
N ALA A 271 -26.01 -0.09 -1.71
CA ALA A 271 -25.07 -1.17 -2.04
C ALA A 271 -24.97 -2.21 -0.93
N MET A 272 -25.04 -1.77 0.33
CA MET A 272 -25.04 -2.65 1.48
C MET A 272 -26.23 -3.61 1.40
N ARG A 273 -27.40 -3.05 1.09
CA ARG A 273 -28.59 -3.85 0.91
C ARG A 273 -28.38 -4.88 -0.20
N HIS A 274 -27.80 -4.44 -1.32
CA HIS A 274 -27.51 -5.36 -2.42
C HIS A 274 -26.58 -6.49 -1.98
N LEU A 275 -25.52 -6.17 -1.23
CA LEU A 275 -24.63 -7.21 -0.74
C LEU A 275 -25.38 -8.20 0.15
N ALA A 276 -26.28 -7.70 1.00
CA ALA A 276 -27.05 -8.60 1.85
C ALA A 276 -28.00 -9.47 1.02
N GLU A 277 -28.61 -8.89 0.01
CA GLU A 277 -29.58 -9.64 -0.79
C GLU A 277 -28.88 -10.70 -1.64
N GLU A 278 -27.70 -10.38 -2.18
CA GLU A 278 -26.93 -11.41 -2.89
C GLU A 278 -26.49 -12.51 -1.95
N SER A 279 -26.07 -12.16 -0.73
CA SER A 279 -25.67 -13.18 0.23
C SER A 279 -26.83 -14.11 0.53
N GLU A 280 -28.01 -13.55 0.80
CA GLU A 280 -29.16 -14.39 1.11
C GLU A 280 -29.56 -15.24 -0.08
N ALA A 281 -29.57 -14.66 -1.29
CA ALA A 281 -29.97 -15.41 -2.47
C ALA A 281 -28.99 -16.54 -2.78
N LEU A 282 -27.70 -16.34 -2.52
CA LEU A 282 -26.71 -17.36 -2.83
C LEU A 282 -26.41 -18.28 -1.66
N GLY A 283 -27.10 -18.11 -0.53
CA GLY A 283 -27.02 -19.08 0.55
C GLY A 283 -25.81 -18.95 1.44
N VAL A 284 -25.17 -17.79 1.49
CA VAL A 284 -24.08 -17.56 2.43
C VAL A 284 -24.57 -16.62 3.50
N ASN A 285 -23.76 -16.43 4.53
CA ASN A 285 -24.21 -15.68 5.70
C ASN A 285 -24.38 -14.20 5.36
N ALA A 286 -25.52 -13.62 5.77
CA ALA A 286 -25.81 -12.23 5.45
C ALA A 286 -25.75 -11.32 6.68
N GLU A 287 -25.32 -11.85 7.84
CA GLU A 287 -25.37 -11.07 9.06
C GLU A 287 -24.44 -9.86 9.00
N LEU A 288 -23.26 -10.02 8.37
CA LEU A 288 -22.34 -8.88 8.27
C LEU A 288 -22.92 -7.75 7.42
N PRO A 289 -23.36 -7.97 6.17
CA PRO A 289 -23.94 -6.84 5.42
C PRO A 289 -25.20 -6.28 6.07
N ARG A 290 -26.03 -7.12 6.71
CA ARG A 290 -27.20 -6.60 7.40
C ARG A 290 -26.79 -5.68 8.56
N PHE A 291 -25.70 -6.01 9.25
CA PHE A 291 -25.20 -5.15 10.33
C PHE A 291 -24.67 -3.82 9.76
N LEU A 292 -23.92 -3.89 8.67
CA LEU A 292 -23.47 -2.65 8.04
C LEU A 292 -24.66 -1.77 7.67
N GLN A 293 -25.71 -2.40 7.12
CA GLN A 293 -26.91 -1.67 6.70
C GLN A 293 -27.65 -1.07 7.90
N LEU A 294 -27.66 -1.78 9.03
CA LEU A 294 -28.25 -1.26 10.27
C LEU A 294 -27.60 0.04 10.69
N LEU A 295 -26.27 0.04 10.75
CA LEU A 295 -25.56 1.24 11.21
C LEU A 295 -25.81 2.41 10.25
N ALA A 296 -25.69 2.15 8.94
CA ALA A 296 -25.93 3.22 7.98
C ALA A 296 -27.34 3.76 8.11
N GLY A 297 -28.33 2.87 8.33
CA GLY A 297 -29.70 3.33 8.46
C GLY A 297 -29.93 4.22 9.66
N ARG A 298 -29.22 3.97 10.75
CA ARG A 298 -29.33 4.87 11.90
C ARG A 298 -28.80 6.26 11.55
N ALA A 299 -27.69 6.33 10.81
CA ALA A 299 -27.20 7.64 10.39
C ALA A 299 -28.23 8.34 9.49
N VAL A 300 -28.81 7.60 8.54
CA VAL A 300 -29.82 8.19 7.65
C VAL A 300 -31.02 8.69 8.46
N ALA A 301 -31.42 7.94 9.48
CA ALA A 301 -32.55 8.35 10.31
C ALA A 301 -32.28 9.65 11.03
N GLU A 302 -31.02 9.94 11.33
CA GLU A 302 -30.67 11.23 11.93
C GLU A 302 -30.35 12.33 10.92
N GLY A 303 -30.74 12.16 9.66
CA GLY A 303 -30.68 13.23 8.68
C GLY A 303 -29.48 13.20 7.76
N HIS A 304 -28.73 12.11 7.73
CA HIS A 304 -27.49 12.08 6.95
C HIS A 304 -27.62 11.32 5.64
N ALA A 305 -28.83 11.25 5.07
CA ALA A 305 -29.01 10.55 3.80
C ALA A 305 -28.05 11.05 2.73
N GLU A 306 -27.77 12.36 2.71
CA GLU A 306 -26.91 12.94 1.69
C GLU A 306 -25.53 13.30 2.21
N SER A 307 -25.18 12.89 3.43
CA SER A 307 -23.84 13.06 3.97
C SER A 307 -22.90 11.98 3.46
N GLY A 308 -21.60 12.26 3.58
CA GLY A 308 -20.61 11.24 3.30
C GLY A 308 -20.53 10.21 4.42
N TYR A 309 -19.71 9.18 4.15
CA TYR A 309 -19.65 8.04 5.08
C TYR A 309 -19.15 8.45 6.45
N SER A 310 -18.33 9.50 6.54
CA SER A 310 -17.77 9.95 7.80
C SER A 310 -18.85 10.25 8.84
N ALA A 311 -20.08 10.58 8.40
CA ALA A 311 -21.17 10.83 9.35
C ALA A 311 -21.46 9.64 10.26
N LEU A 312 -21.09 8.42 9.85
CA LEU A 312 -21.29 7.26 10.72
C LEU A 312 -20.51 7.38 12.03
N VAL A 313 -19.52 8.28 12.12
CA VAL A 313 -18.82 8.41 13.40
C VAL A 313 -19.80 8.77 14.49
N GLU A 314 -20.89 9.49 14.16
CA GLU A 314 -21.82 9.88 15.21
C GLU A 314 -22.59 8.66 15.75
N GLN A 315 -22.76 7.62 14.93
CA GLN A 315 -23.35 6.38 15.44
C GLN A 315 -22.38 5.64 16.35
N PHE A 316 -21.08 5.76 16.09
CA PHE A 316 -20.14 5.04 16.94
C PHE A 316 -19.88 5.74 18.27
N ARG A 317 -20.22 7.02 18.40
CA ARG A 317 -20.02 7.70 19.67
C ARG A 317 -21.14 7.42 20.65
N LYS A 318 -22.29 6.95 20.18
CA LYS A 318 -23.50 6.82 20.99
C LYS A 318 -23.62 5.39 21.49
N ALA A 319 -23.53 5.21 22.80
CA ALA A 319 -23.63 3.90 23.44
C ALA A 319 -24.87 3.11 23.00
N GLY B 31 -7.78 -0.55 -36.28
CA GLY B 31 -8.54 0.69 -36.14
C GLY B 31 -9.54 0.61 -35.00
N PRO B 32 -9.90 1.77 -34.44
CA PRO B 32 -10.84 1.78 -33.31
C PRO B 32 -12.23 1.33 -33.75
N ALA B 33 -12.80 0.39 -32.99
CA ALA B 33 -14.12 -0.12 -33.33
C ALA B 33 -15.19 0.95 -33.17
N ALA B 34 -16.21 0.89 -34.02
CA ALA B 34 -17.40 1.70 -33.81
C ALA B 34 -18.12 1.25 -32.56
N VAL B 35 -18.70 2.20 -31.84
CA VAL B 35 -19.33 1.89 -30.56
C VAL B 35 -20.58 2.74 -30.43
N THR B 36 -21.58 2.18 -29.75
CA THR B 36 -22.80 2.86 -29.38
C THR B 36 -22.89 2.93 -27.87
N VAL B 37 -23.29 4.08 -27.35
CA VAL B 37 -23.57 4.26 -25.92
C VAL B 37 -25.05 4.57 -25.75
N LEU B 38 -25.73 3.76 -24.94
CA LEU B 38 -27.12 3.96 -24.55
C LEU B 38 -27.16 4.49 -23.13
N GLY B 39 -27.63 5.73 -22.98
CA GLY B 39 -27.68 6.36 -21.67
C GLY B 39 -26.65 7.47 -21.56
N LEU B 40 -27.10 8.73 -21.47
CA LEU B 40 -26.19 9.87 -21.38
C LEU B 40 -26.39 10.62 -20.07
N GLY B 41 -26.50 9.88 -18.98
CA GLY B 41 -26.43 10.48 -17.65
C GLY B 41 -25.02 10.91 -17.31
N ARG B 42 -24.75 11.16 -16.02
CA ARG B 42 -23.42 11.57 -15.62
C ARG B 42 -22.38 10.54 -16.05
N MET B 43 -22.67 9.26 -15.88
CA MET B 43 -21.66 8.27 -16.23
C MET B 43 -21.67 7.94 -17.73
N GLY B 44 -22.85 7.75 -18.32
CA GLY B 44 -22.89 7.45 -19.74
C GLY B 44 -22.24 8.53 -20.58
N SER B 45 -22.46 9.80 -20.22
CA SER B 45 -21.79 10.91 -20.92
C SER B 45 -20.27 10.79 -20.83
N ALA B 46 -19.75 10.37 -19.67
CA ALA B 46 -18.31 10.22 -19.54
C ALA B 46 -17.78 9.08 -20.39
N LEU B 47 -18.55 7.99 -20.49
CA LEU B 47 -18.15 6.88 -21.35
C LEU B 47 -18.09 7.34 -22.81
N ALA B 48 -19.14 8.02 -23.26
CA ALA B 48 -19.18 8.47 -24.64
C ALA B 48 -18.04 9.44 -24.92
N ALA B 49 -17.79 10.37 -23.99
CA ALA B 49 -16.69 11.32 -24.17
C ALA B 49 -15.36 10.58 -24.31
N ALA B 50 -15.15 9.54 -23.51
CA ALA B 50 -13.89 8.80 -23.58
C ALA B 50 -13.72 8.10 -24.92
N PHE B 51 -14.77 7.44 -25.40
CA PHE B 51 -14.69 6.80 -26.71
C PHE B 51 -14.40 7.81 -27.80
N LEU B 52 -15.04 8.98 -27.74
CA LEU B 52 -14.83 10.01 -28.74
C LEU B 52 -13.38 10.48 -28.72
N ALA B 53 -12.87 10.77 -27.51
CA ALA B 53 -11.50 11.26 -27.39
C ALA B 53 -10.49 10.27 -27.93
N ALA B 54 -10.77 8.98 -27.82
CA ALA B 54 -9.88 7.94 -28.31
C ALA B 54 -10.02 7.69 -29.81
N GLY B 55 -10.88 8.42 -30.50
CA GLY B 55 -11.01 8.30 -31.94
C GLY B 55 -11.98 7.24 -32.43
N HIS B 56 -12.86 6.72 -31.56
CA HIS B 56 -13.89 5.80 -32.01
C HIS B 56 -15.06 6.55 -32.64
N SER B 57 -15.58 5.98 -33.73
CA SER B 57 -16.89 6.39 -34.22
C SER B 57 -17.94 6.07 -33.16
N THR B 58 -18.59 7.10 -32.63
CA THR B 58 -19.39 6.94 -31.42
C THR B 58 -20.82 7.39 -31.70
N THR B 59 -21.76 6.47 -31.56
CA THR B 59 -23.17 6.77 -31.70
C THR B 59 -23.79 6.81 -30.31
N VAL B 60 -24.61 7.81 -30.04
CA VAL B 60 -25.16 7.98 -28.70
C VAL B 60 -26.67 8.04 -28.77
N TRP B 61 -27.30 7.55 -27.70
CA TRP B 61 -28.74 7.68 -27.53
C TRP B 61 -29.08 7.93 -26.07
N ASN B 62 -30.07 8.80 -25.86
CA ASN B 62 -30.62 9.02 -24.53
C ASN B 62 -32.13 9.17 -24.66
N ARG B 63 -32.84 8.67 -23.65
CA ARG B 63 -34.30 8.79 -23.63
C ARG B 63 -34.74 10.25 -23.77
N THR B 64 -34.17 11.14 -22.97
CA THR B 64 -34.53 12.55 -22.98
C THR B 64 -33.61 13.31 -23.94
N PRO B 65 -34.15 14.10 -24.85
CA PRO B 65 -33.31 14.82 -25.80
C PRO B 65 -32.61 16.00 -25.13
N GLY B 66 -31.57 16.50 -25.80
CA GLY B 66 -30.86 17.67 -25.34
C GLY B 66 -29.68 17.43 -24.43
N LYS B 67 -29.22 16.19 -24.28
CA LYS B 67 -28.08 15.90 -23.44
C LYS B 67 -26.83 15.56 -24.23
N ALA B 68 -26.87 15.66 -25.55
CA ALA B 68 -25.74 15.25 -26.38
C ALA B 68 -25.18 16.36 -27.25
N ASP B 69 -25.45 17.63 -26.92
CA ASP B 69 -25.00 18.73 -27.77
C ASP B 69 -23.47 18.79 -27.83
N GLU B 70 -22.81 18.75 -26.66
CA GLU B 70 -21.35 18.82 -26.64
C GLU B 70 -20.73 17.57 -27.25
N LEU B 71 -21.31 16.40 -26.98
CA LEU B 71 -20.82 15.18 -27.61
C LEU B 71 -20.94 15.25 -29.13
N ALA B 72 -22.07 15.78 -29.62
CA ALA B 72 -22.24 15.92 -31.07
C ALA B 72 -21.26 16.92 -31.66
N ALA B 73 -20.94 18.01 -30.94
CA ALA B 73 -19.96 18.94 -31.48
C ALA B 73 -18.60 18.29 -31.63
N ARG B 74 -18.36 17.22 -30.87
CA ARG B 74 -17.11 16.46 -30.88
C ARG B 74 -17.19 15.24 -31.79
N GLY B 75 -18.27 15.11 -32.58
CA GLY B 75 -18.38 14.06 -33.56
C GLY B 75 -19.33 12.94 -33.22
N ALA B 76 -19.99 12.98 -32.07
CA ALA B 76 -20.93 11.90 -31.74
C ALA B 76 -22.11 11.94 -32.70
N ARG B 77 -22.52 10.76 -33.15
CA ARG B 77 -23.69 10.61 -34.00
C ARG B 77 -24.90 10.40 -33.10
N ARG B 78 -25.85 11.33 -33.14
CA ARG B 78 -27.01 11.22 -32.28
C ARG B 78 -28.07 10.33 -32.95
N ALA B 79 -28.36 9.20 -32.33
CA ALA B 79 -29.34 8.27 -32.88
C ALA B 79 -30.75 8.68 -32.46
N GLY B 80 -31.71 8.47 -33.36
CA GLY B 80 -33.07 8.85 -33.04
C GLY B 80 -33.86 7.82 -32.25
N SER B 81 -33.31 6.65 -32.05
CA SER B 81 -34.00 5.57 -31.35
C SER B 81 -32.97 4.54 -30.92
N VAL B 82 -33.34 3.72 -29.93
CA VAL B 82 -32.50 2.61 -29.53
C VAL B 82 -32.24 1.69 -30.72
N ALA B 83 -33.27 1.38 -31.50
CA ALA B 83 -33.09 0.47 -32.63
C ALA B 83 -32.03 1.00 -33.61
N GLU B 84 -32.07 2.30 -33.92
CA GLU B 84 -31.08 2.87 -34.83
C GLU B 84 -29.69 2.85 -34.19
N ALA B 85 -29.63 3.13 -32.89
CA ALA B 85 -28.35 3.14 -32.19
C ALA B 85 -27.71 1.76 -32.20
N VAL B 86 -28.50 0.71 -31.94
CA VAL B 86 -27.97 -0.65 -31.90
C VAL B 86 -27.57 -1.10 -33.30
N ALA B 87 -28.29 -0.64 -34.33
CA ALA B 87 -27.91 -0.97 -35.70
C ALA B 87 -26.62 -0.27 -36.13
N ALA B 88 -26.25 0.84 -35.47
CA ALA B 88 -25.14 1.65 -35.95
C ALA B 88 -23.76 1.06 -35.67
N ALA B 89 -23.62 0.23 -34.64
CA ALA B 89 -22.30 -0.24 -34.22
C ALA B 89 -22.46 -1.60 -33.58
N PRO B 90 -21.46 -2.47 -33.71
CA PRO B 90 -21.59 -3.83 -33.17
C PRO B 90 -21.38 -3.90 -31.66
N LEU B 91 -20.64 -2.95 -31.10
CA LEU B 91 -20.39 -2.88 -29.66
C LEU B 91 -21.38 -1.88 -29.07
N VAL B 92 -22.24 -2.35 -28.17
CA VAL B 92 -23.30 -1.55 -27.59
C VAL B 92 -23.06 -1.48 -26.09
N VAL B 93 -22.72 -0.30 -25.59
CA VAL B 93 -22.44 -0.10 -24.17
C VAL B 93 -23.68 0.55 -23.56
N VAL B 94 -24.25 -0.07 -22.52
CA VAL B 94 -25.47 0.40 -21.88
C VAL B 94 -25.16 0.94 -20.48
N CYS B 95 -25.62 2.16 -20.19
CA CYS B 95 -25.35 2.71 -18.86
C CYS B 95 -26.54 3.60 -18.48
N VAL B 96 -27.59 2.96 -17.97
CA VAL B 96 -28.80 3.65 -17.54
C VAL B 96 -29.00 3.37 -16.05
N ALA B 97 -30.16 3.74 -15.50
CA ALA B 97 -30.32 3.79 -14.05
C ALA B 97 -30.24 2.40 -13.42
N ASP B 98 -31.02 1.43 -13.92
CA ASP B 98 -31.10 0.16 -13.22
C ASP B 98 -31.54 -0.93 -14.20
N ASP B 99 -31.68 -2.15 -13.67
CA ASP B 99 -32.03 -3.29 -14.50
C ASP B 99 -33.40 -3.11 -15.15
N GLU B 100 -34.34 -2.48 -14.43
CA GLU B 100 -35.65 -2.22 -15.03
C GLU B 100 -35.50 -1.37 -16.29
N ALA B 101 -34.66 -0.32 -16.22
CA ALA B 101 -34.44 0.52 -17.39
C ALA B 101 -33.79 -0.28 -18.52
N VAL B 102 -32.77 -1.09 -18.19
CA VAL B 102 -32.14 -1.92 -19.21
C VAL B 102 -33.20 -2.81 -19.87
N HIS B 103 -34.06 -3.41 -19.05
CA HIS B 103 -35.14 -4.27 -19.55
C HIS B 103 -36.04 -3.51 -20.51
N GLN B 104 -36.50 -2.32 -20.13
CA GLN B 104 -37.37 -1.55 -21.03
C GLN B 104 -36.69 -1.20 -22.34
N LEU B 105 -35.38 -0.94 -22.30
CA LEU B 105 -34.67 -0.63 -23.55
C LEU B 105 -34.46 -1.88 -24.40
N LEU B 106 -34.08 -2.99 -23.77
CA LEU B 106 -33.63 -4.17 -24.51
C LEU B 106 -34.79 -5.02 -24.98
N ASP B 107 -35.81 -5.20 -24.13
CA ASP B 107 -36.83 -6.21 -24.41
C ASP B 107 -37.55 -6.04 -25.74
N PRO B 108 -37.82 -4.83 -26.26
CA PRO B 108 -38.42 -4.71 -27.60
C PRO B 108 -37.48 -5.09 -28.73
N LEU B 109 -36.18 -5.20 -28.47
CA LEU B 109 -35.23 -5.52 -29.52
C LEU B 109 -35.25 -7.01 -29.79
N ASP B 110 -35.28 -7.37 -31.06
CA ASP B 110 -35.18 -8.78 -31.44
C ASP B 110 -34.08 -8.93 -32.48
N GLY B 111 -34.47 -8.84 -33.76
CA GLY B 111 -33.49 -8.96 -34.84
C GLY B 111 -32.40 -7.91 -34.80
N ALA B 112 -32.63 -6.80 -34.10
CA ALA B 112 -31.64 -5.73 -34.09
C ALA B 112 -30.36 -6.15 -33.39
N LEU B 113 -30.44 -7.09 -32.45
CA LEU B 113 -29.29 -7.44 -31.62
C LEU B 113 -28.36 -8.48 -32.23
N ALA B 114 -28.77 -9.15 -33.32
CA ALA B 114 -27.94 -10.20 -33.89
C ALA B 114 -26.57 -9.66 -34.27
N GLY B 115 -25.52 -10.38 -33.87
CA GLY B 115 -24.17 -9.98 -34.15
C GLY B 115 -23.61 -8.91 -33.25
N ARG B 116 -24.42 -8.32 -32.37
CA ARG B 116 -23.91 -7.30 -31.47
C ARG B 116 -23.26 -7.92 -30.25
N THR B 117 -22.43 -7.12 -29.58
CA THR B 117 -21.93 -7.45 -28.25
C THR B 117 -22.44 -6.36 -27.31
N LEU B 118 -23.28 -6.77 -26.36
CA LEU B 118 -23.86 -5.88 -25.37
C LEU B 118 -22.97 -5.85 -24.15
N VAL B 119 -22.62 -4.66 -23.70
CA VAL B 119 -21.80 -4.49 -22.50
C VAL B 119 -22.64 -3.67 -21.53
N ASN B 120 -23.10 -4.31 -20.45
CA ASN B 120 -24.01 -3.63 -19.52
C ASN B 120 -23.21 -3.08 -18.33
N LEU B 121 -23.03 -1.77 -18.30
CA LEU B 121 -22.34 -1.11 -17.20
C LEU B 121 -23.32 -0.52 -16.18
N THR B 122 -24.61 -0.76 -16.37
CA THR B 122 -25.63 -0.42 -15.39
C THR B 122 -25.45 -1.28 -14.14
N THR B 123 -25.58 -0.64 -12.97
CA THR B 123 -25.58 -1.39 -11.72
C THR B 123 -26.75 -2.36 -11.68
N GLY B 124 -26.48 -3.61 -11.35
CA GLY B 124 -27.54 -4.59 -11.19
C GLY B 124 -27.06 -5.77 -10.38
N THR B 125 -27.89 -6.80 -10.35
CA THR B 125 -27.61 -7.99 -9.55
C THR B 125 -26.96 -9.08 -10.39
N SER B 126 -26.34 -10.04 -9.70
CA SER B 126 -25.74 -11.18 -10.39
C SER B 126 -26.81 -12.00 -11.11
N ALA B 127 -27.99 -12.14 -10.51
CA ALA B 127 -29.08 -12.88 -11.14
C ALA B 127 -29.50 -12.20 -12.44
N GLN B 128 -29.68 -10.87 -12.41
CA GLN B 128 -30.03 -10.13 -13.61
C GLN B 128 -28.96 -10.27 -14.69
N ALA B 129 -27.68 -10.23 -14.29
CA ALA B 129 -26.60 -10.37 -15.27
C ALA B 129 -26.64 -11.74 -15.94
N ARG B 130 -26.86 -12.80 -15.16
CA ARG B 130 -26.90 -14.14 -15.75
C ARG B 130 -28.12 -14.29 -16.67
N ALA B 131 -29.27 -13.75 -16.25
CA ALA B 131 -30.44 -13.78 -17.11
C ALA B 131 -30.22 -13.02 -18.40
N ASN B 132 -29.59 -11.84 -18.30
CA ASN B 132 -29.31 -11.02 -19.47
C ASN B 132 -28.40 -11.75 -20.44
N ALA B 133 -27.38 -12.44 -19.92
CA ALA B 133 -26.48 -13.21 -20.78
C ALA B 133 -27.28 -14.23 -21.59
N ALA B 134 -28.16 -14.97 -20.92
CA ALA B 134 -28.92 -16.01 -21.62
C ALA B 134 -29.88 -15.40 -22.66
N TRP B 135 -30.57 -14.33 -22.26
CA TRP B 135 -31.48 -13.61 -23.14
C TRP B 135 -30.75 -13.12 -24.40
N ALA B 136 -29.61 -12.44 -24.20
CA ALA B 136 -28.86 -11.92 -25.33
C ALA B 136 -28.43 -13.04 -26.26
N LYS B 137 -27.97 -14.16 -25.69
CA LYS B 137 -27.47 -15.25 -26.50
C LYS B 137 -28.58 -15.83 -27.37
N GLU B 138 -29.80 -15.91 -26.82
CA GLU B 138 -30.87 -16.36 -27.73
C GLU B 138 -31.25 -15.31 -28.76
N ARG B 139 -30.85 -14.05 -28.59
CA ARG B 139 -31.04 -13.08 -29.67
C ARG B 139 -29.81 -12.91 -30.58
N GLY B 140 -28.81 -13.77 -30.48
CA GLY B 140 -27.66 -13.69 -31.38
C GLY B 140 -26.59 -12.69 -30.97
N ALA B 141 -26.64 -12.22 -29.74
CA ALA B 141 -25.73 -11.19 -29.25
C ALA B 141 -24.87 -11.78 -28.14
N ALA B 142 -23.62 -11.36 -28.11
CA ALA B 142 -22.75 -11.61 -26.99
C ALA B 142 -23.06 -10.62 -25.86
N PHE B 143 -22.68 -11.01 -24.64
CA PHE B 143 -23.01 -10.19 -23.48
C PHE B 143 -21.85 -10.18 -22.50
N LEU B 144 -21.46 -8.99 -22.08
CA LEU B 144 -20.54 -8.80 -20.96
C LEU B 144 -21.25 -7.93 -19.92
N ASP B 145 -21.21 -8.34 -18.66
CA ASP B 145 -21.64 -7.45 -17.59
C ASP B 145 -20.40 -6.74 -17.05
N GLY B 146 -20.56 -5.47 -16.71
CA GLY B 146 -19.45 -4.70 -16.17
C GLY B 146 -19.81 -3.99 -14.89
N ALA B 147 -18.79 -3.77 -14.07
CA ALA B 147 -18.89 -2.99 -12.85
C ALA B 147 -17.87 -1.87 -12.90
N ILE B 148 -18.35 -0.63 -12.90
CA ILE B 148 -17.48 0.54 -12.90
C ILE B 148 -17.11 0.86 -11.46
N MET B 149 -15.83 0.71 -11.12
CA MET B 149 -15.29 1.15 -9.84
C MET B 149 -14.49 2.43 -10.09
N ALA B 150 -15.26 3.52 -10.21
CA ALA B 150 -14.75 4.83 -10.62
C ALA B 150 -15.88 5.84 -10.59
N VAL B 151 -15.54 7.11 -10.39
CA VAL B 151 -16.50 8.19 -10.62
C VAL B 151 -16.36 8.65 -12.06
N PRO B 152 -17.34 9.36 -12.61
CA PRO B 152 -17.27 9.73 -14.04
C PRO B 152 -16.00 10.46 -14.43
N GLU B 153 -15.51 11.36 -13.58
CA GLU B 153 -14.34 12.14 -13.93
C GLU B 153 -13.07 11.30 -14.03
N ASP B 154 -13.08 10.09 -13.47
CA ASP B 154 -11.92 9.23 -13.53
C ASP B 154 -11.97 8.25 -14.70
N ILE B 155 -13.08 8.20 -15.44
CA ILE B 155 -13.10 7.38 -16.66
C ILE B 155 -12.00 7.85 -17.59
N ALA B 156 -11.36 6.89 -18.27
CA ALA B 156 -10.26 7.12 -19.19
C ALA B 156 -9.01 7.68 -18.51
N THR B 157 -8.91 7.56 -17.20
CA THR B 157 -7.68 7.84 -16.47
C THR B 157 -7.12 6.54 -15.91
N GLY B 158 -5.85 6.60 -15.50
CA GLY B 158 -5.24 5.45 -14.84
C GLY B 158 -5.85 5.08 -13.52
N ASP B 159 -6.70 5.94 -12.95
CA ASP B 159 -7.31 5.63 -11.65
C ASP B 159 -8.52 4.72 -11.79
N ALA B 160 -9.11 4.64 -12.97
CA ALA B 160 -10.35 3.90 -13.15
C ALA B 160 -10.12 2.39 -13.05
N VAL B 161 -11.11 1.70 -12.49
CA VAL B 161 -11.15 0.23 -12.53
C VAL B 161 -12.48 -0.17 -13.15
N LEU B 162 -12.45 -1.05 -14.15
CA LEU B 162 -13.67 -1.62 -14.71
C LEU B 162 -13.50 -3.13 -14.73
N LEU B 163 -14.43 -3.83 -14.09
CA LEU B 163 -14.44 -5.28 -14.04
C LEU B 163 -15.50 -5.81 -15.00
N TYR B 164 -15.16 -6.85 -15.76
CA TYR B 164 -16.07 -7.44 -16.74
C TYR B 164 -16.21 -8.93 -16.50
N SER B 165 -17.40 -9.45 -16.84
CA SER B 165 -17.62 -10.87 -16.73
C SER B 165 -18.59 -11.30 -17.84
N GLY B 166 -18.40 -12.52 -18.32
CA GLY B 166 -19.09 -13.02 -19.48
C GLY B 166 -18.13 -13.73 -20.40
N PRO B 167 -18.62 -14.29 -21.49
CA PRO B 167 -17.74 -15.10 -22.36
C PRO B 167 -16.48 -14.36 -22.75
N ARG B 168 -15.34 -15.02 -22.58
CA ARG B 168 -14.06 -14.36 -22.82
C ARG B 168 -13.87 -13.98 -24.29
N ASP B 169 -14.46 -14.72 -25.23
CA ASP B 169 -14.24 -14.39 -26.64
C ASP B 169 -14.76 -12.99 -26.97
N ALA B 170 -15.85 -12.56 -26.32
CA ALA B 170 -16.38 -11.22 -26.57
C ALA B 170 -15.47 -10.17 -25.96
N PHE B 171 -14.99 -10.41 -24.74
CA PHE B 171 -14.04 -9.48 -24.14
C PHE B 171 -12.81 -9.34 -25.00
N ASP B 172 -12.25 -10.45 -25.46
CA ASP B 172 -11.06 -10.36 -26.29
C ASP B 172 -11.35 -9.64 -27.59
N ALA B 173 -12.53 -9.87 -28.16
CA ALA B 173 -12.87 -9.19 -29.42
C ALA B 173 -12.89 -7.69 -29.26
N TYR B 174 -13.33 -7.19 -28.09
CA TYR B 174 -13.48 -5.75 -27.96
C TYR B 174 -12.56 -5.12 -26.91
N GLU B 175 -11.51 -5.84 -26.49
CA GLU B 175 -10.64 -5.34 -25.42
C GLU B 175 -10.04 -4.00 -25.76
N GLU B 176 -9.65 -3.80 -27.03
CA GLU B 176 -9.01 -2.55 -27.42
C GLU B 176 -9.95 -1.37 -27.20
N ALA B 177 -11.24 -1.57 -27.51
CA ALA B 177 -12.23 -0.52 -27.29
C ALA B 177 -12.54 -0.35 -25.81
N LEU B 178 -12.74 -1.46 -25.11
CA LEU B 178 -13.19 -1.37 -23.72
C LEU B 178 -12.11 -0.72 -22.86
N ARG B 179 -10.83 -0.97 -23.17
CA ARG B 179 -9.81 -0.43 -22.28
C ARG B 179 -9.72 1.08 -22.31
N VAL B 180 -10.34 1.76 -23.30
CA VAL B 180 -10.31 3.22 -23.28
C VAL B 180 -10.95 3.75 -22.01
N LEU B 181 -11.89 2.98 -21.42
CA LEU B 181 -12.59 3.46 -20.24
C LEU B 181 -11.74 3.34 -18.98
N ALA B 182 -10.83 2.36 -18.91
CA ALA B 182 -9.96 2.16 -17.75
C ALA B 182 -8.64 1.66 -18.31
N PRO B 183 -7.83 2.57 -18.85
CA PRO B 183 -6.62 2.16 -19.59
C PRO B 183 -5.58 1.43 -18.75
N ALA B 184 -5.64 1.54 -17.43
CA ALA B 184 -4.69 0.83 -16.58
C ALA B 184 -5.41 -0.03 -15.56
N GLY B 185 -6.71 -0.32 -15.77
CA GLY B 185 -7.49 -0.98 -14.74
C GLY B 185 -8.65 -1.80 -15.22
N THR B 186 -8.56 -2.32 -16.45
CA THR B 186 -9.57 -3.19 -17.02
C THR B 186 -9.26 -4.64 -16.70
N THR B 187 -10.24 -5.36 -16.16
CA THR B 187 -10.02 -6.75 -15.78
C THR B 187 -11.20 -7.59 -16.22
N HIS B 188 -10.94 -8.68 -16.93
CA HIS B 188 -11.95 -9.68 -17.18
C HIS B 188 -11.88 -10.73 -16.09
N LEU B 189 -13.02 -10.99 -15.44
CA LEU B 189 -13.00 -11.84 -14.25
C LEU B 189 -13.23 -13.31 -14.55
N GLY B 190 -13.94 -13.62 -15.62
CA GLY B 190 -14.35 -14.99 -15.88
C GLY B 190 -15.61 -15.00 -16.71
N GLY B 191 -16.01 -16.22 -17.10
CA GLY B 191 -17.09 -16.37 -18.07
C GLY B 191 -18.50 -16.28 -17.51
N ASP B 192 -18.67 -16.54 -16.22
CA ASP B 192 -19.96 -16.37 -15.54
C ASP B 192 -20.33 -14.89 -15.53
N ALA B 193 -21.45 -14.53 -16.17
CA ALA B 193 -21.83 -13.13 -16.31
C ALA B 193 -22.08 -12.44 -14.98
N GLY B 194 -22.40 -13.18 -13.93
CA GLY B 194 -22.66 -12.61 -12.62
C GLY B 194 -21.45 -12.24 -11.80
N LEU B 195 -20.24 -12.48 -12.31
CA LEU B 195 -19.06 -12.29 -11.47
C LEU B 195 -18.81 -10.81 -11.16
N ALA B 196 -19.03 -9.93 -12.14
CA ALA B 196 -18.69 -8.52 -11.94
C ALA B 196 -19.50 -7.91 -10.79
N ALA B 197 -20.82 -8.15 -10.79
CA ALA B 197 -21.62 -7.63 -9.69
C ALA B 197 -21.13 -8.15 -8.34
N LEU B 198 -20.80 -9.45 -8.27
CA LEU B 198 -20.38 -10.00 -6.99
C LEU B 198 -19.03 -9.44 -6.57
N HIS B 199 -18.11 -9.28 -7.53
CA HIS B 199 -16.80 -8.78 -7.13
C HIS B 199 -16.92 -7.36 -6.64
N ASP B 200 -17.79 -6.58 -7.29
CA ASP B 200 -17.88 -5.17 -6.91
C ASP B 200 -18.36 -5.10 -5.47
N LEU B 201 -19.37 -5.90 -5.13
CA LEU B 201 -19.94 -5.83 -3.79
C LEU B 201 -18.95 -6.38 -2.77
N ALA B 202 -18.22 -7.44 -3.14
CA ALA B 202 -17.26 -7.99 -2.19
C ALA B 202 -16.16 -6.97 -1.90
N LEU B 203 -15.77 -6.21 -2.91
CA LEU B 203 -14.71 -5.23 -2.69
C LEU B 203 -15.24 -4.08 -1.85
N LEU B 204 -16.52 -3.71 -2.05
CA LEU B 204 -17.06 -2.66 -1.21
C LEU B 204 -17.14 -3.14 0.24
N GLY B 205 -17.36 -4.44 0.44
CA GLY B 205 -17.41 -4.94 1.80
C GLY B 205 -16.12 -4.66 2.54
N ILE B 206 -14.99 -4.76 1.82
CA ILE B 206 -13.71 -4.48 2.45
C ILE B 206 -13.62 -3.01 2.84
N MET B 207 -14.04 -2.13 1.93
CA MET B 207 -14.10 -0.71 2.23
C MET B 207 -14.90 -0.44 3.50
N TRP B 208 -16.09 -1.03 3.61
CA TRP B 208 -16.91 -0.71 4.77
C TRP B 208 -16.22 -1.23 6.04
N GLY B 209 -15.54 -2.38 5.93
CA GLY B 209 -14.83 -2.91 7.08
C GLY B 209 -13.78 -1.96 7.59
N VAL B 210 -12.98 -1.41 6.65
CA VAL B 210 -11.92 -0.50 7.05
C VAL B 210 -12.53 0.75 7.64
N LEU B 211 -13.55 1.29 6.98
CA LEU B 211 -14.04 2.61 7.38
C LEU B 211 -14.73 2.54 8.73
N ASN B 212 -15.51 1.47 8.95
CA ASN B 212 -16.13 1.29 10.26
C ASN B 212 -15.07 1.14 11.33
N GLY B 213 -14.01 0.36 11.03
CA GLY B 213 -12.94 0.21 11.99
C GLY B 213 -12.31 1.54 12.31
N PHE B 214 -12.10 2.38 11.29
CA PHE B 214 -11.50 3.69 11.54
C PHE B 214 -12.45 4.56 12.36
N LEU B 215 -13.73 4.56 12.01
CA LEU B 215 -14.63 5.52 12.65
C LEU B 215 -14.93 5.09 14.09
N HIS B 216 -15.08 3.79 14.31
CA HIS B 216 -15.22 3.31 15.69
C HIS B 216 -13.97 3.64 16.48
N GLY B 217 -12.78 3.42 15.88
CA GLY B 217 -11.55 3.75 16.58
C GLY B 217 -11.50 5.24 16.90
N ALA B 218 -11.95 6.06 15.95
CA ALA B 218 -11.94 7.50 16.17
C ALA B 218 -12.86 7.87 17.30
N ALA B 219 -14.01 7.19 17.38
CA ALA B 219 -14.93 7.45 18.48
C ALA B 219 -14.30 7.08 19.81
N LEU B 220 -13.66 5.90 19.85
CA LEU B 220 -13.09 5.41 21.11
C LEU B 220 -11.99 6.34 21.58
N LEU B 221 -11.06 6.63 20.68
CA LEU B 221 -9.95 7.52 21.00
C LEU B 221 -10.43 8.93 21.24
N GLY B 222 -11.59 9.30 20.69
CA GLY B 222 -12.11 10.63 20.94
C GLY B 222 -12.43 10.86 22.40
N THR B 223 -12.70 9.78 23.15
CA THR B 223 -12.98 9.96 24.56
C THR B 223 -11.75 10.41 25.33
N ALA B 224 -10.56 10.16 24.79
CA ALA B 224 -9.32 10.57 25.40
C ALA B 224 -8.80 11.86 24.81
N GLY B 225 -9.60 12.53 23.97
CA GLY B 225 -9.19 13.75 23.33
C GLY B 225 -8.30 13.59 22.11
N VAL B 226 -8.21 12.38 21.56
CA VAL B 226 -7.40 12.16 20.36
C VAL B 226 -8.18 12.65 19.15
N ARG B 227 -7.55 13.50 18.35
CA ARG B 227 -8.17 13.95 17.11
C ARG B 227 -8.15 12.85 16.08
N ALA B 228 -9.21 12.76 15.26
CA ALA B 228 -9.26 11.75 14.22
C ALA B 228 -8.07 11.89 13.26
N GLY B 229 -7.64 13.13 12.99
CA GLY B 229 -6.48 13.33 12.14
C GLY B 229 -5.17 12.91 12.75
N ASP B 230 -5.10 12.74 14.07
CA ASP B 230 -3.89 12.20 14.67
C ASP B 230 -3.92 10.67 14.72
N PHE B 231 -5.11 10.08 14.79
CA PHE B 231 -5.25 8.63 14.67
C PHE B 231 -5.04 8.18 13.22
N ALA B 232 -5.44 9.02 12.26
CA ALA B 232 -5.50 8.57 10.87
C ALA B 232 -4.17 8.05 10.32
N PRO B 233 -3.01 8.66 10.56
CA PRO B 233 -1.78 8.08 9.99
C PRO B 233 -1.51 6.68 10.48
N LEU B 234 -1.81 6.42 11.75
CA LEU B 234 -1.63 5.07 12.29
C LEU B 234 -2.63 4.12 11.66
N ALA B 235 -3.89 4.54 11.59
CA ALA B 235 -4.93 3.71 10.98
C ALA B 235 -4.62 3.40 9.51
N ALA B 236 -4.17 4.39 8.75
CA ALA B 236 -3.82 4.16 7.35
C ALA B 236 -2.62 3.22 7.21
N ARG B 237 -1.59 3.40 8.05
CA ARG B 237 -0.47 2.46 8.04
C ARG B 237 -0.94 1.04 8.35
N MET B 238 -1.79 0.91 9.36
CA MET B 238 -2.38 -0.40 9.66
C MET B 238 -3.04 -0.99 8.44
N THR B 239 -3.83 -0.17 7.74
CA THR B 239 -4.60 -0.65 6.61
C THR B 239 -3.68 -1.16 5.51
N THR B 240 -2.62 -0.40 5.21
CA THR B 240 -1.71 -0.84 4.15
C THR B 240 -0.92 -2.08 4.57
N VAL B 241 -0.63 -2.25 5.87
CA VAL B 241 0.00 -3.50 6.33
C VAL B 241 -0.97 -4.68 6.20
N VAL B 242 -2.23 -4.50 6.61
CA VAL B 242 -3.18 -5.61 6.57
C VAL B 242 -3.53 -6.04 5.14
N ALA B 243 -3.31 -5.15 4.15
CA ALA B 243 -3.45 -5.62 2.76
C ALA B 243 -2.63 -6.87 2.51
N GLY B 244 -1.45 -6.97 3.13
CA GLY B 244 -0.62 -8.17 2.98
C GLY B 244 -1.20 -9.38 3.67
N TYR B 245 -1.96 -9.18 4.76
CA TYR B 245 -2.62 -10.29 5.43
C TYR B 245 -3.67 -10.92 4.53
N VAL B 246 -4.28 -10.13 3.65
CA VAL B 246 -5.31 -10.67 2.75
C VAL B 246 -4.72 -11.74 1.82
N THR B 247 -3.62 -11.41 1.12
CA THR B 247 -3.04 -12.43 0.26
C THR B 247 -2.47 -13.57 1.08
N ALA B 248 -2.02 -13.30 2.32
CA ALA B 248 -1.51 -14.41 3.14
C ALA B 248 -2.62 -15.37 3.52
N ALA B 249 -3.85 -14.89 3.70
CA ALA B 249 -4.95 -15.75 4.09
C ALA B 249 -5.53 -16.54 2.93
N ALA B 250 -5.43 -16.02 1.70
CA ALA B 250 -6.07 -16.71 0.56
C ALA B 250 -5.70 -18.19 0.42
N PRO B 251 -4.44 -18.61 0.51
CA PRO B 251 -4.15 -20.05 0.39
C PRO B 251 -4.81 -20.86 1.47
N GLU B 252 -4.96 -20.29 2.67
CA GLU B 252 -5.62 -21.00 3.75
C GLU B 252 -7.08 -21.26 3.41
N VAL B 253 -7.78 -20.24 2.89
CA VAL B 253 -9.15 -20.43 2.45
C VAL B 253 -9.22 -21.51 1.36
N ASP B 254 -8.34 -21.43 0.36
CA ASP B 254 -8.48 -22.36 -0.76
C ASP B 254 -8.12 -23.79 -0.34
N ALA B 255 -7.23 -23.96 0.64
CA ALA B 255 -6.86 -25.30 1.10
C ALA B 255 -7.79 -25.86 2.16
N GLY B 256 -8.69 -25.05 2.71
CA GLY B 256 -9.48 -25.48 3.85
C GLY B 256 -8.64 -25.82 5.07
N SER B 257 -7.52 -25.13 5.25
CA SER B 257 -6.56 -25.39 6.31
C SER B 257 -6.17 -24.07 6.96
N TYR B 258 -6.32 -23.98 8.27
CA TYR B 258 -6.31 -22.68 8.97
C TYR B 258 -5.33 -22.69 10.14
N PRO B 259 -4.03 -22.78 9.86
CA PRO B 259 -3.06 -22.75 10.96
C PRO B 259 -3.13 -21.43 11.72
N ALA B 260 -2.76 -21.50 13.01
CA ALA B 260 -2.93 -20.35 13.90
C ALA B 260 -2.07 -19.17 13.48
N GLY B 261 -0.87 -19.41 12.95
CA GLY B 261 0.03 -18.31 12.68
C GLY B 261 0.31 -17.54 13.96
N ASP B 262 0.13 -16.22 13.89
CA ASP B 262 0.52 -15.37 15.00
C ASP B 262 -0.57 -15.27 16.08
N ALA B 263 -1.75 -15.84 15.85
CA ALA B 263 -2.80 -15.77 16.86
C ALA B 263 -3.95 -16.74 16.58
N THR B 264 -4.26 -17.59 17.55
CA THR B 264 -5.44 -18.43 17.44
C THR B 264 -6.71 -17.58 17.52
N LEU B 265 -7.84 -18.19 17.11
CA LEU B 265 -9.11 -17.50 17.26
C LEU B 265 -9.41 -17.18 18.72
N THR B 266 -8.95 -18.02 19.65
CA THR B 266 -9.13 -17.68 21.06
C THR B 266 -8.47 -16.35 21.41
N VAL B 267 -7.26 -16.12 20.89
CA VAL B 267 -6.53 -14.89 21.17
C VAL B 267 -7.24 -13.70 20.52
N HIS B 268 -7.70 -13.89 19.26
CA HIS B 268 -8.46 -12.84 18.59
C HIS B 268 -9.70 -12.47 19.39
N GLN B 269 -10.47 -13.48 19.78
CA GLN B 269 -11.74 -13.22 20.47
C GLN B 269 -11.50 -12.51 21.78
N GLU B 270 -10.42 -12.84 22.48
CA GLU B 270 -10.13 -12.14 23.73
C GLU B 270 -9.86 -10.67 23.48
N ALA B 271 -9.09 -10.34 22.44
CA ALA B 271 -8.87 -8.92 22.16
C ALA B 271 -10.15 -8.22 21.74
N MET B 272 -11.02 -8.93 21.02
CA MET B 272 -12.32 -8.40 20.60
C MET B 272 -13.16 -8.05 21.82
N ARG B 273 -13.15 -8.95 22.80
CA ARG B 273 -13.84 -8.70 24.05
C ARG B 273 -13.26 -7.48 24.76
N HIS B 274 -11.93 -7.36 24.73
CA HIS B 274 -11.30 -6.20 25.36
C HIS B 274 -11.77 -4.91 24.66
N LEU B 275 -11.82 -4.93 23.32
CA LEU B 275 -12.28 -3.74 22.61
C LEU B 275 -13.73 -3.40 22.98
N ALA B 276 -14.58 -4.42 23.09
CA ALA B 276 -15.96 -4.17 23.51
C ALA B 276 -16.02 -3.60 24.91
N GLU B 277 -15.22 -4.14 25.83
CA GLU B 277 -15.26 -3.70 27.21
C GLU B 277 -14.76 -2.26 27.33
N GLU B 278 -13.70 -1.90 26.59
CA GLU B 278 -13.24 -0.51 26.60
C GLU B 278 -14.29 0.42 26.04
N SER B 279 -14.96 0.02 24.96
CA SER B 279 -16.03 0.83 24.40
C SER B 279 -17.13 1.06 25.42
N GLU B 280 -17.57 -0.01 26.09
CA GLU B 280 -18.63 0.07 27.08
C GLU B 280 -18.22 0.98 28.24
N ALA B 281 -17.00 0.78 28.76
CA ALA B 281 -16.56 1.53 29.93
C ALA B 281 -16.34 3.01 29.63
N LEU B 282 -15.99 3.34 28.37
CA LEU B 282 -15.72 4.71 28.01
C LEU B 282 -16.91 5.42 27.39
N GLY B 283 -18.04 4.71 27.27
CA GLY B 283 -19.28 5.35 26.85
C GLY B 283 -19.46 5.52 25.35
N VAL B 284 -18.80 4.70 24.54
CA VAL B 284 -19.07 4.78 23.11
C VAL B 284 -19.76 3.49 22.67
N ASN B 285 -20.12 3.42 21.40
CA ASN B 285 -20.89 2.28 20.94
C ASN B 285 -20.03 1.03 20.90
N ALA B 286 -20.56 -0.08 21.45
CA ALA B 286 -19.83 -1.34 21.48
C ALA B 286 -20.45 -2.39 20.58
N GLU B 287 -21.46 -2.03 19.78
CA GLU B 287 -22.14 -3.01 18.95
C GLU B 287 -21.20 -3.63 17.93
N LEU B 288 -20.25 -2.85 17.38
CA LEU B 288 -19.34 -3.42 16.39
C LEU B 288 -18.41 -4.45 17.00
N PRO B 289 -17.64 -4.16 18.06
CA PRO B 289 -16.80 -5.22 18.65
C PRO B 289 -17.61 -6.38 19.16
N ARG B 290 -18.83 -6.16 19.67
CA ARG B 290 -19.63 -7.31 20.08
C ARG B 290 -20.02 -8.19 18.89
N PHE B 291 -20.29 -7.58 17.73
CA PHE B 291 -20.57 -8.36 16.52
C PHE B 291 -19.33 -9.11 16.05
N LEU B 292 -18.17 -8.47 16.12
CA LEU B 292 -16.93 -9.18 15.79
C LEU B 292 -16.78 -10.41 16.69
N GLN B 293 -17.04 -10.23 17.99
CA GLN B 293 -16.97 -11.32 18.95
C GLN B 293 -17.94 -12.43 18.60
N LEU B 294 -19.16 -12.05 18.16
CA LEU B 294 -20.16 -13.04 17.76
C LEU B 294 -19.63 -13.90 16.62
N LEU B 295 -19.09 -13.27 15.58
CA LEU B 295 -18.61 -14.02 14.43
C LEU B 295 -17.47 -14.96 14.82
N ALA B 296 -16.50 -14.45 15.59
CA ALA B 296 -15.40 -15.31 16.00
C ALA B 296 -15.89 -16.46 16.87
N GLY B 297 -16.88 -16.20 17.72
CA GLY B 297 -17.42 -17.28 18.55
C GLY B 297 -18.16 -18.32 17.73
N ARG B 298 -18.83 -17.88 16.66
CA ARG B 298 -19.41 -18.83 15.72
C ARG B 298 -18.36 -19.79 15.18
N ALA B 299 -17.19 -19.25 14.84
CA ALA B 299 -16.13 -20.12 14.34
C ALA B 299 -15.57 -21.03 15.43
N VAL B 300 -15.35 -20.48 16.62
CA VAL B 300 -14.80 -21.29 17.70
C VAL B 300 -15.72 -22.45 18.04
N ALA B 301 -17.05 -22.21 17.98
CA ALA B 301 -18.01 -23.26 18.30
C ALA B 301 -17.97 -24.42 17.31
N GLU B 302 -17.53 -24.20 16.07
CA GLU B 302 -17.31 -25.27 15.10
C GLU B 302 -16.08 -26.11 15.42
N GLY B 303 -15.35 -25.80 16.48
CA GLY B 303 -14.11 -26.49 16.80
C GLY B 303 -12.82 -25.77 16.41
N HIS B 304 -12.84 -24.45 16.23
CA HIS B 304 -11.68 -23.73 15.72
C HIS B 304 -11.00 -22.86 16.78
N ALA B 305 -11.10 -23.24 18.05
CA ALA B 305 -10.47 -22.46 19.12
C ALA B 305 -8.99 -22.22 18.84
N GLU B 306 -8.30 -23.21 18.27
CA GLU B 306 -6.86 -23.15 18.05
C GLU B 306 -6.51 -22.89 16.58
N SER B 307 -7.51 -22.62 15.75
CA SER B 307 -7.24 -22.29 14.36
C SER B 307 -6.92 -20.81 14.22
N GLY B 308 -6.37 -20.45 13.06
CA GLY B 308 -6.17 -19.05 12.71
C GLY B 308 -7.43 -18.38 12.18
N TYR B 309 -7.31 -17.08 11.94
CA TYR B 309 -8.47 -16.26 11.63
C TYR B 309 -9.17 -16.71 10.34
N SER B 310 -8.42 -17.27 9.38
CA SER B 310 -9.04 -17.65 8.12
C SER B 310 -10.16 -18.69 8.30
N ALA B 311 -10.17 -19.40 9.44
CA ALA B 311 -11.26 -20.34 9.70
C ALA B 311 -12.62 -19.66 9.73
N LEU B 312 -12.67 -18.34 9.91
CA LEU B 312 -13.96 -17.66 9.88
C LEU B 312 -14.67 -17.80 8.54
N VAL B 313 -13.94 -18.12 7.47
CA VAL B 313 -14.63 -18.27 6.19
C VAL B 313 -15.73 -19.32 6.30
N GLU B 314 -15.51 -20.36 7.13
CA GLU B 314 -16.49 -21.45 7.14
C GLU B 314 -17.83 -20.98 7.66
N GLN B 315 -17.83 -20.08 8.66
CA GLN B 315 -19.13 -19.64 9.13
C GLN B 315 -19.70 -18.55 8.23
N PHE B 316 -18.87 -17.90 7.41
CA PHE B 316 -19.44 -16.98 6.43
C PHE B 316 -20.15 -17.70 5.30
N ARG B 317 -19.86 -18.99 5.10
CA ARG B 317 -20.56 -19.76 4.06
C ARG B 317 -21.92 -20.24 4.50
N LYS B 318 -22.24 -20.16 5.80
CA LYS B 318 -23.44 -20.76 6.37
C LYS B 318 -24.46 -19.67 6.66
N ALA B 319 -25.64 -19.78 6.05
CA ALA B 319 -26.73 -18.83 6.31
C ALA B 319 -27.13 -18.83 7.78
N GLY C 31 -9.13 29.16 21.62
CA GLY C 31 -9.51 29.68 20.31
C GLY C 31 -8.40 29.58 19.29
N PRO C 32 -8.74 29.65 18.01
CA PRO C 32 -7.70 29.60 16.97
C PRO C 32 -6.79 30.81 17.04
N ALA C 33 -5.49 30.56 16.84
CA ALA C 33 -4.51 31.63 16.91
C ALA C 33 -4.68 32.60 15.75
N ALA C 34 -4.27 33.84 15.98
CA ALA C 34 -4.20 34.81 14.91
C ALA C 34 -2.97 34.51 14.07
N VAL C 35 -3.10 34.66 12.76
CA VAL C 35 -2.02 34.30 11.84
C VAL C 35 -1.91 35.36 10.75
N THR C 36 -0.70 35.50 10.22
CA THR C 36 -0.44 36.32 9.04
C THR C 36 0.15 35.43 7.95
N VAL C 37 -0.34 35.60 6.72
CA VAL C 37 0.23 34.93 5.55
C VAL C 37 0.84 35.98 4.64
N LEU C 38 2.12 35.80 4.29
CA LEU C 38 2.81 36.65 3.33
C LEU C 38 3.02 35.87 2.05
N GLY C 39 2.44 36.35 0.96
CA GLY C 39 2.52 35.65 -0.30
C GLY C 39 1.17 35.08 -0.68
N LEU C 40 0.51 35.66 -1.69
CA LEU C 40 -0.80 35.21 -2.13
C LEU C 40 -0.74 34.68 -3.55
N GLY C 41 0.32 33.93 -3.86
CA GLY C 41 0.32 33.11 -5.08
C GLY C 41 -0.63 31.92 -4.98
N ARG C 42 -0.48 30.94 -5.87
CA ARG C 42 -1.40 29.80 -5.85
C ARG C 42 -1.36 29.08 -4.49
N MET C 43 -0.15 28.87 -3.96
CA MET C 43 -0.01 28.15 -2.70
C MET C 43 -0.38 29.04 -1.52
N GLY C 44 0.16 30.26 -1.49
CA GLY C 44 -0.09 31.13 -0.35
C GLY C 44 -1.58 31.46 -0.20
N SER C 45 -2.25 31.68 -1.34
CA SER C 45 -3.70 31.84 -1.30
C SER C 45 -4.39 30.63 -0.71
N ALA C 46 -3.92 29.41 -1.08
CA ALA C 46 -4.54 28.23 -0.48
C ALA C 46 -4.29 28.15 1.04
N LEU C 47 -3.09 28.52 1.49
CA LEU C 47 -2.80 28.50 2.92
C LEU C 47 -3.72 29.47 3.66
N ALA C 48 -3.83 30.70 3.13
CA ALA C 48 -4.66 31.70 3.78
C ALA C 48 -6.12 31.25 3.82
N ALA C 49 -6.60 30.66 2.72
CA ALA C 49 -7.99 30.21 2.70
C ALA C 49 -8.22 29.13 3.74
N ALA C 50 -7.26 28.23 3.92
CA ALA C 50 -7.39 27.17 4.93
C ALA C 50 -7.43 27.73 6.35
N PHE C 51 -6.56 28.70 6.67
CA PHE C 51 -6.61 29.30 8.00
C PHE C 51 -7.95 30.00 8.22
N LEU C 52 -8.43 30.71 7.21
CA LEU C 52 -9.71 31.42 7.33
C LEU C 52 -10.86 30.44 7.52
N ALA C 53 -10.87 29.32 6.79
CA ALA C 53 -11.95 28.35 6.90
C ALA C 53 -11.98 27.70 8.28
N ALA C 54 -10.82 27.56 8.92
CA ALA C 54 -10.75 26.95 10.24
C ALA C 54 -11.02 27.93 11.37
N GLY C 55 -11.38 29.17 11.04
CA GLY C 55 -11.78 30.15 12.03
C GLY C 55 -10.68 31.03 12.57
N HIS C 56 -9.46 30.95 12.01
CA HIS C 56 -8.38 31.82 12.45
C HIS C 56 -8.58 33.24 11.93
N SER C 57 -8.27 34.21 12.79
CA SER C 57 -8.15 35.58 12.32
C SER C 57 -6.91 35.65 11.43
N THR C 58 -7.11 35.94 10.16
CA THR C 58 -6.08 35.79 9.14
C THR C 58 -5.81 37.12 8.47
N THR C 59 -4.60 37.64 8.65
CA THR C 59 -4.12 38.84 7.96
C THR C 59 -3.30 38.40 6.75
N VAL C 60 -3.54 39.00 5.59
CA VAL C 60 -2.85 38.61 4.38
C VAL C 60 -2.15 39.80 3.73
N TRP C 61 -1.05 39.52 3.06
CA TRP C 61 -0.33 40.54 2.32
C TRP C 61 0.33 39.92 1.09
N ASN C 62 0.37 40.68 0.00
CA ASN C 62 1.05 40.27 -1.21
C ASN C 62 1.71 41.49 -1.81
N ARG C 63 2.83 41.27 -2.48
CA ARG C 63 3.54 42.38 -3.12
C ARG C 63 2.66 43.09 -4.14
N THR C 64 2.08 42.34 -5.03
CA THR C 64 1.25 42.94 -6.08
C THR C 64 -0.20 43.01 -5.62
N PRO C 65 -0.83 44.16 -5.72
CA PRO C 65 -2.23 44.25 -5.25
C PRO C 65 -3.16 43.44 -6.15
N GLY C 66 -4.37 43.24 -5.63
CA GLY C 66 -5.43 42.61 -6.39
C GLY C 66 -5.62 41.13 -6.18
N LYS C 67 -4.90 40.51 -5.26
CA LYS C 67 -4.96 39.06 -5.08
C LYS C 67 -5.69 38.66 -3.81
N ALA C 68 -6.23 39.61 -3.06
CA ALA C 68 -6.78 39.36 -1.74
C ALA C 68 -8.29 39.56 -1.67
N ASP C 69 -8.94 39.76 -2.82
CA ASP C 69 -10.36 40.14 -2.79
C ASP C 69 -11.23 39.00 -2.28
N GLU C 70 -11.05 37.79 -2.84
CA GLU C 70 -11.84 36.65 -2.39
C GLU C 70 -11.56 36.33 -0.92
N LEU C 71 -10.29 36.38 -0.52
CA LEU C 71 -9.95 36.17 0.88
C LEU C 71 -10.59 37.22 1.78
N ALA C 72 -10.62 38.48 1.34
CA ALA C 72 -11.22 39.53 2.16
C ALA C 72 -12.72 39.34 2.28
N ALA C 73 -13.37 38.91 1.19
CA ALA C 73 -14.80 38.64 1.25
C ALA C 73 -15.13 37.55 2.26
N ARG C 74 -14.18 36.68 2.59
CA ARG C 74 -14.37 35.62 3.57
C ARG C 74 -13.82 35.97 4.95
N GLY C 75 -13.40 37.22 5.16
CA GLY C 75 -13.02 37.67 6.49
C GLY C 75 -11.55 37.96 6.70
N ALA C 76 -10.69 37.81 5.70
CA ALA C 76 -9.29 38.11 5.88
C ALA C 76 -9.07 39.61 6.07
N ARG C 77 -8.08 39.95 6.89
CA ARG C 77 -7.64 41.34 7.05
C ARG C 77 -6.58 41.67 6.00
N ARG C 78 -6.77 42.80 5.32
CA ARG C 78 -5.78 43.27 4.34
C ARG C 78 -4.76 44.14 5.04
N ALA C 79 -3.49 43.77 4.94
CA ALA C 79 -2.43 44.61 5.47
C ALA C 79 -2.00 45.64 4.43
N GLY C 80 -1.68 46.84 4.88
CA GLY C 80 -1.20 47.88 3.98
C GLY C 80 0.28 47.82 3.67
N SER C 81 1.04 46.97 4.34
CA SER C 81 2.47 46.83 4.12
C SER C 81 2.92 45.53 4.78
N VAL C 82 4.11 45.08 4.40
CA VAL C 82 4.61 43.86 5.03
C VAL C 82 4.86 44.09 6.52
N ALA C 83 5.33 45.28 6.92
CA ALA C 83 5.57 45.54 8.34
C ALA C 83 4.28 45.46 9.14
N GLU C 84 3.20 46.06 8.62
CA GLU C 84 1.90 45.95 9.26
C GLU C 84 1.43 44.50 9.35
N ALA C 85 1.63 43.75 8.26
CA ALA C 85 1.21 42.36 8.24
C ALA C 85 1.93 41.54 9.30
N VAL C 86 3.25 41.71 9.39
CA VAL C 86 4.05 40.96 10.36
C VAL C 86 3.64 41.33 11.78
N ALA C 87 3.34 42.62 12.02
CA ALA C 87 2.95 43.03 13.35
C ALA C 87 1.53 42.61 13.73
N ALA C 88 0.74 42.10 12.79
CA ALA C 88 -0.66 41.75 13.07
C ALA C 88 -0.85 40.36 13.67
N ALA C 89 0.20 39.57 13.90
CA ALA C 89 -0.04 38.22 14.40
C ALA C 89 1.18 37.73 15.15
N PRO C 90 1.01 36.79 16.09
CA PRO C 90 2.17 36.14 16.72
C PRO C 90 2.80 35.10 15.82
N LEU C 91 2.07 34.62 14.82
CA LEU C 91 2.48 33.56 13.91
C LEU C 91 2.49 34.10 12.49
N VAL C 92 3.65 34.09 11.85
CA VAL C 92 3.82 34.65 10.51
C VAL C 92 4.23 33.51 9.58
N VAL C 93 3.40 33.23 8.57
CA VAL C 93 3.64 32.17 7.61
C VAL C 93 4.03 32.83 6.28
N VAL C 94 5.18 32.49 5.73
CA VAL C 94 5.65 33.09 4.48
C VAL C 94 5.68 32.02 3.40
N CYS C 95 5.11 32.33 2.24
CA CYS C 95 5.13 31.38 1.12
C CYS C 95 5.26 32.18 -0.18
N VAL C 96 6.51 32.46 -0.57
CA VAL C 96 6.81 33.24 -1.77
C VAL C 96 7.69 32.39 -2.68
N ALA C 97 8.20 32.99 -3.76
CA ALA C 97 8.82 32.19 -4.82
C ALA C 97 10.05 31.43 -4.32
N ASP C 98 10.94 32.10 -3.59
CA ASP C 98 12.22 31.49 -3.23
C ASP C 98 12.86 32.29 -2.10
N ASP C 99 14.00 31.78 -1.60
CA ASP C 99 14.68 32.40 -0.46
C ASP C 99 15.13 33.82 -0.76
N GLU C 100 15.54 34.08 -2.00
CA GLU C 100 15.93 35.44 -2.34
C GLU C 100 14.76 36.39 -2.13
N ALA C 101 13.53 35.94 -2.46
CA ALA C 101 12.35 36.77 -2.24
C ALA C 101 12.05 36.93 -0.75
N VAL C 102 12.18 35.84 0.00
CA VAL C 102 11.97 35.92 1.45
C VAL C 102 12.82 37.03 2.04
N HIS C 103 14.10 37.07 1.65
CA HIS C 103 14.98 38.07 2.26
C HIS C 103 14.80 39.44 1.64
N GLN C 104 14.48 39.54 0.36
CA GLN C 104 14.14 40.85 -0.20
C GLN C 104 12.98 41.46 0.56
N LEU C 105 12.01 40.63 0.93
CA LEU C 105 10.83 41.08 1.65
C LEU C 105 11.15 41.45 3.10
N LEU C 106 11.87 40.57 3.80
CA LEU C 106 11.97 40.65 5.26
C LEU C 106 13.25 41.30 5.78
N ASP C 107 14.34 41.27 5.00
CA ASP C 107 15.58 41.88 5.48
C ASP C 107 15.43 43.36 5.86
N PRO C 108 14.70 44.20 5.11
CA PRO C 108 14.63 45.61 5.49
C PRO C 108 13.79 45.89 6.72
N LEU C 109 13.01 44.93 7.21
CA LEU C 109 12.27 45.15 8.44
C LEU C 109 13.21 45.48 9.58
N ASP C 110 12.76 46.36 10.47
CA ASP C 110 13.58 46.89 11.56
C ASP C 110 12.92 46.48 12.87
N GLY C 111 13.23 45.26 13.32
CA GLY C 111 12.73 44.78 14.60
C GLY C 111 11.35 44.15 14.56
N ALA C 112 10.68 44.16 13.42
CA ALA C 112 9.28 43.74 13.35
C ALA C 112 9.08 42.29 13.74
N LEU C 113 10.06 41.42 13.48
CA LEU C 113 9.88 40.00 13.78
C LEU C 113 10.14 39.63 15.25
N ALA C 114 10.63 40.55 16.08
CA ALA C 114 10.98 40.19 17.44
C ALA C 114 9.75 39.69 18.22
N GLY C 115 9.92 38.57 18.91
CA GLY C 115 8.87 38.01 19.74
C GLY C 115 7.84 37.18 19.00
N ARG C 116 8.01 37.01 17.69
CA ARG C 116 7.05 36.28 16.87
C ARG C 116 7.65 34.94 16.45
N THR C 117 6.78 34.13 15.84
CA THR C 117 7.18 32.83 15.30
C THR C 117 6.99 32.90 13.79
N LEU C 118 8.08 32.66 13.05
CA LEU C 118 8.12 32.71 11.60
C LEU C 118 8.15 31.29 11.07
N VAL C 119 7.21 30.95 10.18
CA VAL C 119 7.14 29.64 9.55
C VAL C 119 7.37 29.85 8.07
N ASN C 120 8.44 29.29 7.53
CA ASN C 120 8.80 29.51 6.14
C ASN C 120 8.45 28.30 5.31
N LEU C 121 7.37 28.41 4.53
CA LEU C 121 6.93 27.35 3.63
C LEU C 121 7.40 27.57 2.20
N THR C 122 8.22 28.58 1.98
CA THR C 122 8.90 28.77 0.71
C THR C 122 9.88 27.63 0.46
N THR C 123 9.95 27.14 -0.78
CA THR C 123 10.90 26.10 -1.12
C THR C 123 12.32 26.65 -1.03
N GLY C 124 13.19 25.89 -0.38
CA GLY C 124 14.57 26.27 -0.31
C GLY C 124 15.44 25.08 0.02
N THR C 125 16.73 25.35 0.23
CA THR C 125 17.73 24.33 0.52
C THR C 125 17.89 24.14 2.02
N SER C 126 18.56 23.05 2.41
CA SER C 126 18.84 22.83 3.82
C SER C 126 19.76 23.93 4.36
N ALA C 127 20.68 24.41 3.52
CA ALA C 127 21.59 25.45 3.98
C ALA C 127 20.85 26.76 4.17
N GLN C 128 19.92 27.06 3.27
CA GLN C 128 19.08 28.25 3.43
C GLN C 128 18.25 28.15 4.69
N ALA C 129 17.67 26.99 4.98
CA ALA C 129 16.87 26.85 6.18
C ALA C 129 17.72 27.01 7.45
N ARG C 130 18.93 26.43 7.47
CA ARG C 130 19.78 26.55 8.66
C ARG C 130 20.25 28.00 8.84
N ALA C 131 20.59 28.65 7.73
CA ALA C 131 20.93 30.08 7.77
C ALA C 131 19.75 30.89 8.27
N ASN C 132 18.55 30.58 7.81
CA ASN C 132 17.37 31.33 8.20
C ASN C 132 17.03 31.13 9.66
N ALA C 133 17.27 29.93 10.20
CA ALA C 133 17.13 29.73 11.64
C ALA C 133 18.04 30.70 12.40
N ALA C 134 19.30 30.80 11.98
CA ALA C 134 20.21 31.72 12.69
C ALA C 134 19.81 33.19 12.50
N TRP C 135 19.39 33.54 11.29
CA TRP C 135 18.94 34.89 10.98
C TRP C 135 17.71 35.27 11.83
N ALA C 136 16.77 34.34 11.97
CA ALA C 136 15.59 34.60 12.77
C ALA C 136 15.94 34.76 14.24
N LYS C 137 16.83 33.89 14.75
CA LYS C 137 17.30 34.01 16.13
C LYS C 137 17.94 35.36 16.39
N GLU C 138 18.77 35.84 15.45
CA GLU C 138 19.39 37.15 15.62
C GLU C 138 18.35 38.25 15.63
N ARG C 139 17.18 38.03 15.00
CA ARG C 139 16.11 39.02 15.01
C ARG C 139 15.07 38.77 16.12
N GLY C 140 15.34 37.86 17.06
CA GLY C 140 14.41 37.63 18.15
C GLY C 140 13.17 36.83 17.80
N ALA C 141 13.19 36.08 16.71
CA ALA C 141 12.04 35.30 16.28
C ALA C 141 12.32 33.80 16.40
N ALA C 142 11.29 33.06 16.82
CA ALA C 142 11.30 31.61 16.66
C ALA C 142 11.11 31.28 15.18
N PHE C 143 11.63 30.12 14.76
CA PHE C 143 11.64 29.81 13.33
C PHE C 143 11.37 28.33 13.11
N LEU C 144 10.43 28.05 12.20
CA LEU C 144 10.26 26.71 11.67
C LEU C 144 10.37 26.78 10.15
N ASP C 145 11.14 25.87 9.56
CA ASP C 145 11.07 25.68 8.12
C ASP C 145 10.10 24.55 7.82
N GLY C 146 9.36 24.70 6.72
CA GLY C 146 8.41 23.69 6.33
C GLY C 146 8.54 23.34 4.87
N ALA C 147 8.16 22.11 4.55
CA ALA C 147 8.10 21.61 3.18
C ALA C 147 6.69 21.11 2.93
N ILE C 148 6.01 21.73 1.97
CA ILE C 148 4.64 21.36 1.59
C ILE C 148 4.72 20.24 0.56
N MET C 149 4.18 19.08 0.91
CA MET C 149 4.13 17.90 0.05
C MET C 149 2.67 17.73 -0.35
N ALA C 150 2.23 18.67 -1.20
CA ALA C 150 0.83 18.83 -1.57
C ALA C 150 0.72 19.88 -2.66
N VAL C 151 -0.32 19.77 -3.47
CA VAL C 151 -0.68 20.82 -4.41
C VAL C 151 -1.66 21.76 -3.71
N PRO C 152 -1.84 22.99 -4.19
CA PRO C 152 -2.71 23.92 -3.46
C PRO C 152 -4.10 23.41 -3.19
N GLU C 153 -4.70 22.71 -4.15
CA GLU C 153 -6.08 22.25 -3.97
C GLU C 153 -6.21 21.19 -2.88
N ASP C 154 -5.10 20.57 -2.48
CA ASP C 154 -5.10 19.55 -1.44
C ASP C 154 -4.77 20.09 -0.06
N ILE C 155 -4.37 21.36 0.04
CA ILE C 155 -4.22 21.98 1.35
C ILE C 155 -5.53 21.89 2.11
N ALA C 156 -5.43 21.56 3.40
CA ALA C 156 -6.54 21.40 4.33
C ALA C 156 -7.36 20.14 4.05
N THR C 157 -6.91 19.27 3.17
CA THR C 157 -7.53 17.96 3.02
C THR C 157 -6.68 16.91 3.70
N GLY C 158 -7.26 15.72 3.86
CA GLY C 158 -6.51 14.62 4.42
C GLY C 158 -5.41 14.08 3.52
N ASP C 159 -5.33 14.54 2.27
CA ASP C 159 -4.25 14.14 1.36
C ASP C 159 -2.97 14.95 1.56
N ALA C 160 -3.07 16.11 2.18
CA ALA C 160 -1.91 16.98 2.28
C ALA C 160 -0.89 16.41 3.26
N VAL C 161 0.40 16.65 2.98
CA VAL C 161 1.45 16.38 3.96
C VAL C 161 2.26 17.66 4.12
N LEU C 162 2.56 18.05 5.36
CA LEU C 162 3.45 19.19 5.62
C LEU C 162 4.47 18.75 6.66
N LEU C 163 5.75 18.90 6.31
CA LEU C 163 6.84 18.53 7.19
C LEU C 163 7.47 19.80 7.76
N TYR C 164 7.76 19.80 9.05
CA TYR C 164 8.31 20.98 9.71
C TYR C 164 9.59 20.62 10.42
N SER C 165 10.52 21.56 10.48
CA SER C 165 11.73 21.35 11.26
C SER C 165 12.17 22.66 11.90
N GLY C 166 12.80 22.53 13.05
CA GLY C 166 13.14 23.66 13.87
C GLY C 166 12.76 23.39 15.32
N PRO C 167 13.08 24.33 16.20
CA PRO C 167 12.92 24.07 17.63
C PRO C 167 11.50 23.62 17.99
N ARG C 168 11.43 22.53 18.76
CA ARG C 168 10.14 21.89 19.01
C ARG C 168 9.22 22.79 19.83
N ASP C 169 9.76 23.69 20.65
CA ASP C 169 8.89 24.56 21.45
C ASP C 169 7.95 25.37 20.56
N ALA C 170 8.46 25.86 19.42
CA ALA C 170 7.63 26.65 18.51
C ALA C 170 6.55 25.78 17.86
N PHE C 171 6.93 24.56 17.48
CA PHE C 171 5.96 23.66 16.88
C PHE C 171 4.88 23.31 17.89
N ASP C 172 5.26 23.03 19.14
CA ASP C 172 4.25 22.71 20.12
C ASP C 172 3.35 23.89 20.39
N ALA C 173 3.90 25.11 20.34
CA ALA C 173 3.11 26.31 20.58
C ALA C 173 2.06 26.51 19.48
N TYR C 174 2.39 26.19 18.24
CA TYR C 174 1.49 26.53 17.15
C TYR C 174 0.98 25.33 16.36
N GLU C 175 1.10 24.12 16.92
CA GLU C 175 0.68 22.94 16.19
C GLU C 175 -0.80 22.96 15.87
N GLU C 176 -1.63 23.43 16.80
CA GLU C 176 -3.07 23.44 16.53
C GLU C 176 -3.42 24.36 15.38
N ALA C 177 -2.65 25.44 15.19
CA ALA C 177 -2.85 26.33 14.06
C ALA C 177 -2.27 25.74 12.78
N LEU C 178 -1.05 25.21 12.85
CA LEU C 178 -0.38 24.75 11.64
C LEU C 178 -1.08 23.53 11.06
N ARG C 179 -1.63 22.67 11.92
CA ARG C 179 -2.20 21.42 11.44
C ARG C 179 -3.40 21.65 10.53
N VAL C 180 -4.02 22.83 10.53
CA VAL C 180 -5.15 23.04 9.62
C VAL C 180 -4.71 22.92 8.16
N LEU C 181 -3.43 23.13 7.86
CA LEU C 181 -2.97 23.00 6.48
C LEU C 181 -2.90 21.55 6.03
N ALA C 182 -2.67 20.63 6.96
CA ALA C 182 -2.56 19.20 6.66
C ALA C 182 -3.11 18.45 7.86
N PRO C 183 -4.43 18.40 8.00
CA PRO C 183 -5.03 17.94 9.26
C PRO C 183 -4.79 16.47 9.56
N ALA C 184 -4.37 15.68 8.57
CA ALA C 184 -4.04 14.28 8.81
C ALA C 184 -2.62 13.96 8.36
N GLY C 185 -1.77 14.98 8.20
CA GLY C 185 -0.46 14.76 7.64
C GLY C 185 0.61 15.75 8.05
N THR C 186 0.48 16.34 9.23
CA THR C 186 1.47 17.27 9.76
C THR C 186 2.49 16.52 10.60
N THR C 187 3.77 16.70 10.30
CA THR C 187 4.83 16.03 11.04
C THR C 187 5.92 17.01 11.40
N HIS C 188 6.31 17.03 12.68
CA HIS C 188 7.52 17.72 13.09
C HIS C 188 8.69 16.72 13.09
N LEU C 189 9.74 17.05 12.33
CA LEU C 189 10.82 16.09 12.08
C LEU C 189 11.91 16.14 13.12
N GLY C 190 12.13 17.29 13.74
CA GLY C 190 13.26 17.45 14.64
C GLY C 190 13.72 18.90 14.69
N GLY C 191 14.73 19.12 15.53
CA GLY C 191 15.14 20.47 15.87
C GLY C 191 15.98 21.17 14.83
N ASP C 192 16.74 20.42 14.04
CA ASP C 192 17.58 20.97 13.00
C ASP C 192 16.70 21.55 11.87
N ALA C 193 16.82 22.86 11.62
CA ALA C 193 15.90 23.49 10.68
C ALA C 193 16.06 22.96 9.26
N GLY C 194 17.17 22.31 8.94
CA GLY C 194 17.30 21.82 7.59
C GLY C 194 16.64 20.48 7.29
N LEU C 195 16.02 19.84 8.27
CA LEU C 195 15.49 18.49 8.06
C LEU C 195 14.36 18.47 7.03
N ALA C 196 13.48 19.50 7.03
CA ALA C 196 12.34 19.47 6.13
C ALA C 196 12.79 19.42 4.67
N ALA C 197 13.73 20.30 4.31
CA ALA C 197 14.24 20.31 2.95
C ALA C 197 14.82 18.96 2.59
N LEU C 198 15.63 18.40 3.50
CA LEU C 198 16.28 17.13 3.19
C LEU C 198 15.27 16.01 3.06
N HIS C 199 14.26 15.99 3.94
CA HIS C 199 13.28 14.91 3.85
C HIS C 199 12.50 15.02 2.56
N ASP C 200 12.16 16.26 2.17
CA ASP C 200 11.43 16.46 0.93
C ASP C 200 12.21 15.84 -0.22
N LEU C 201 13.50 16.18 -0.31
CA LEU C 201 14.27 15.70 -1.45
C LEU C 201 14.42 14.19 -1.37
N ALA C 202 14.61 13.67 -0.16
CA ALA C 202 14.82 12.23 -0.04
C ALA C 202 13.57 11.48 -0.48
N LEU C 203 12.39 12.04 -0.15
CA LEU C 203 11.15 11.36 -0.55
C LEU C 203 10.96 11.46 -2.05
N LEU C 204 11.34 12.60 -2.65
CA LEU C 204 11.27 12.69 -4.10
C LEU C 204 12.20 11.68 -4.74
N GLY C 205 13.33 11.39 -4.09
CA GLY C 205 14.24 10.39 -4.65
C GLY C 205 13.59 9.04 -4.78
N ILE C 206 12.70 8.70 -3.85
CA ILE C 206 11.99 7.43 -3.96
C ILE C 206 11.03 7.47 -5.13
N MET C 207 10.34 8.61 -5.32
CA MET C 207 9.37 8.65 -6.40
C MET C 207 10.08 8.56 -7.76
N TRP C 208 11.19 9.29 -7.94
CA TRP C 208 11.96 9.17 -9.17
C TRP C 208 12.45 7.75 -9.38
N GLY C 209 12.78 7.05 -8.29
CA GLY C 209 13.27 5.69 -8.42
C GLY C 209 12.20 4.77 -8.94
N VAL C 210 10.97 4.93 -8.42
CA VAL C 210 9.86 4.09 -8.86
C VAL C 210 9.49 4.42 -10.30
N LEU C 211 9.36 5.71 -10.59
CA LEU C 211 8.89 6.09 -11.92
C LEU C 211 9.90 5.68 -12.99
N ASN C 212 11.20 5.84 -12.70
CA ASN C 212 12.20 5.40 -13.67
C ASN C 212 12.13 3.89 -13.85
N GLY C 213 11.92 3.15 -12.76
CA GLY C 213 11.77 1.70 -12.91
C GLY C 213 10.56 1.36 -13.76
N PHE C 214 9.47 2.11 -13.59
CA PHE C 214 8.28 1.84 -14.37
C PHE C 214 8.52 2.17 -15.83
N LEU C 215 9.13 3.35 -16.09
CA LEU C 215 9.22 3.78 -17.48
C LEU C 215 10.25 2.97 -18.24
N HIS C 216 11.36 2.61 -17.58
CA HIS C 216 12.30 1.69 -18.20
C HIS C 216 11.63 0.35 -18.48
N GLY C 217 10.84 -0.15 -17.51
CA GLY C 217 10.16 -1.41 -17.74
C GLY C 217 9.17 -1.30 -18.87
N ALA C 218 8.49 -0.15 -18.95
CA ALA C 218 7.52 0.03 -20.03
C ALA C 218 8.23 0.04 -21.37
N ALA C 219 9.44 0.62 -21.42
CA ALA C 219 10.17 0.64 -22.68
C ALA C 219 10.61 -0.77 -23.05
N LEU C 220 11.10 -1.52 -22.06
CA LEU C 220 11.59 -2.87 -22.32
C LEU C 220 10.45 -3.75 -22.82
N LEU C 221 9.34 -3.73 -22.10
CA LEU C 221 8.22 -4.58 -22.45
C LEU C 221 7.55 -4.07 -23.73
N GLY C 222 7.70 -2.77 -24.04
CA GLY C 222 7.14 -2.26 -25.28
C GLY C 222 7.73 -2.93 -26.50
N THR C 223 8.97 -3.42 -26.40
CA THR C 223 9.54 -4.10 -27.56
C THR C 223 8.78 -5.37 -27.91
N ALA C 224 8.06 -5.94 -26.95
CA ALA C 224 7.28 -7.13 -27.16
C ALA C 224 5.80 -6.82 -27.32
N GLY C 225 5.46 -5.56 -27.55
CA GLY C 225 4.09 -5.14 -27.75
C GLY C 225 3.25 -5.02 -26.50
N VAL C 226 3.87 -5.01 -25.31
CA VAL C 226 3.12 -4.86 -24.06
C VAL C 226 2.74 -3.39 -23.88
N ARG C 227 1.45 -3.14 -23.66
CA ARG C 227 0.98 -1.80 -23.32
C ARG C 227 1.45 -1.43 -21.93
N ALA C 228 1.85 -0.16 -21.77
CA ALA C 228 2.19 0.33 -20.44
C ALA C 228 1.03 0.13 -19.47
N GLY C 229 -0.20 0.28 -19.97
CA GLY C 229 -1.37 0.07 -19.12
C GLY C 229 -1.59 -1.36 -18.70
N ASP C 230 -1.03 -2.33 -19.42
CA ASP C 230 -1.08 -3.71 -18.98
C ASP C 230 0.07 -4.06 -18.03
N PHE C 231 1.23 -3.40 -18.17
CA PHE C 231 2.31 -3.59 -17.20
C PHE C 231 1.97 -2.90 -15.87
N ALA C 232 1.31 -1.75 -15.94
CA ALA C 232 1.10 -0.91 -14.76
C ALA C 232 0.50 -1.64 -13.56
N PRO C 233 -0.57 -2.47 -13.68
CA PRO C 233 -1.07 -3.13 -12.46
C PRO C 233 -0.03 -4.02 -11.77
N LEU C 234 0.81 -4.70 -12.55
CA LEU C 234 1.87 -5.50 -11.94
C LEU C 234 2.91 -4.61 -11.30
N ALA C 235 3.28 -3.52 -11.98
CA ALA C 235 4.27 -2.57 -11.44
C ALA C 235 3.77 -1.92 -10.16
N ALA C 236 2.49 -1.55 -10.12
CA ALA C 236 1.94 -0.94 -8.91
C ALA C 236 1.86 -1.95 -7.76
N ARG C 237 1.48 -3.21 -8.06
CA ARG C 237 1.53 -4.24 -7.03
C ARG C 237 2.94 -4.42 -6.48
N MET C 238 3.93 -4.45 -7.36
CA MET C 238 5.29 -4.59 -6.87
C MET C 238 5.68 -3.40 -6.00
N THR C 239 5.27 -2.19 -6.40
CA THR C 239 5.59 -1.01 -5.61
C THR C 239 4.99 -1.10 -4.20
N THR C 240 3.71 -1.47 -4.10
CA THR C 240 3.11 -1.53 -2.77
C THR C 240 3.71 -2.65 -1.93
N VAL C 241 4.15 -3.76 -2.56
CA VAL C 241 4.82 -4.82 -1.80
C VAL C 241 6.19 -4.35 -1.30
N VAL C 242 6.96 -3.66 -2.14
CA VAL C 242 8.31 -3.24 -1.74
C VAL C 242 8.27 -2.12 -0.71
N ALA C 243 7.14 -1.40 -0.59
CA ALA C 243 7.01 -0.49 0.55
C ALA C 243 7.34 -1.20 1.87
N GLY C 244 6.94 -2.47 2.01
CA GLY C 244 7.26 -3.20 3.23
C GLY C 244 8.73 -3.56 3.34
N TYR C 245 9.40 -3.68 2.19
CA TYR C 245 10.84 -3.93 2.22
C TYR C 245 11.59 -2.73 2.79
N VAL C 246 11.01 -1.53 2.65
CA VAL C 246 11.66 -0.32 3.15
C VAL C 246 11.76 -0.36 4.68
N THR C 247 10.64 -0.60 5.37
CA THR C 247 10.73 -0.70 6.82
C THR C 247 11.53 -1.91 7.24
N ALA C 248 11.50 -3.01 6.46
CA ALA C 248 12.33 -4.16 6.80
C ALA C 248 13.82 -3.81 6.76
N ALA C 249 14.21 -2.95 5.83
CA ALA C 249 15.63 -2.63 5.66
C ALA C 249 16.15 -1.65 6.71
N ALA C 250 15.26 -0.83 7.26
CA ALA C 250 15.73 0.23 8.15
C ALA C 250 16.52 -0.26 9.37
N PRO C 251 16.12 -1.30 10.10
CA PRO C 251 16.96 -1.75 11.24
C PRO C 251 18.33 -2.23 10.81
N GLU C 252 18.43 -2.83 9.61
CA GLU C 252 19.74 -3.24 9.11
C GLU C 252 20.66 -2.05 8.90
N VAL C 253 20.13 -0.97 8.31
CA VAL C 253 20.93 0.24 8.13
C VAL C 253 21.34 0.80 9.49
N ASP C 254 20.39 0.87 10.42
CA ASP C 254 20.69 1.48 11.73
C ASP C 254 21.65 0.63 12.56
N ALA C 255 21.67 -0.68 12.36
CA ALA C 255 22.59 -1.55 13.10
C ALA C 255 23.92 -1.77 12.38
N GLY C 256 24.02 -1.38 11.11
CA GLY C 256 25.20 -1.69 10.33
C GLY C 256 25.39 -3.18 10.13
N SER C 257 24.30 -3.92 10.02
CA SER C 257 24.32 -5.37 9.92
C SER C 257 23.36 -5.76 8.81
N TYR C 258 23.85 -6.46 7.79
CA TYR C 258 23.13 -6.61 6.53
C TYR C 258 23.00 -8.08 6.15
N PRO C 259 22.18 -8.84 6.85
CA PRO C 259 22.00 -10.25 6.51
C PRO C 259 21.42 -10.41 5.10
N ALA C 260 21.73 -11.55 4.48
CA ALA C 260 21.36 -11.75 3.08
C ALA C 260 19.84 -11.74 2.87
N GLY C 261 19.08 -12.25 3.84
CA GLY C 261 17.65 -12.36 3.61
C GLY C 261 17.41 -13.23 2.40
N ASP C 262 16.54 -12.77 1.51
CA ASP C 262 16.14 -13.56 0.35
C ASP C 262 17.12 -13.52 -0.81
N ALA C 263 18.11 -12.61 -0.81
CA ALA C 263 19.05 -12.53 -1.92
C ALA C 263 20.29 -11.77 -1.49
N THR C 264 21.46 -12.39 -1.70
CA THR C 264 22.72 -11.67 -1.52
C THR C 264 22.89 -10.62 -2.61
N LEU C 265 23.82 -9.69 -2.36
CA LEU C 265 24.11 -8.69 -3.37
C LEU C 265 24.69 -9.32 -4.62
N THR C 266 25.36 -10.48 -4.50
CA THR C 266 25.80 -11.20 -5.69
C THR C 266 24.63 -11.56 -6.58
N VAL C 267 23.56 -12.10 -5.97
CA VAL C 267 22.37 -12.51 -6.72
C VAL C 267 21.67 -11.30 -7.32
N HIS C 268 21.55 -10.22 -6.55
CA HIS C 268 21.01 -8.97 -7.07
C HIS C 268 21.80 -8.49 -8.28
N GLN C 269 23.13 -8.46 -8.16
CA GLN C 269 23.95 -7.95 -9.25
C GLN C 269 23.79 -8.78 -10.51
N GLU C 270 23.67 -10.10 -10.36
CA GLU C 270 23.47 -10.92 -11.55
C GLU C 270 22.15 -10.60 -12.24
N ALA C 271 21.09 -10.35 -11.45
CA ALA C 271 19.82 -9.97 -12.08
C ALA C 271 19.90 -8.59 -12.74
N MET C 272 20.63 -7.66 -12.13
CA MET C 272 20.85 -6.35 -12.74
C MET C 272 21.59 -6.47 -14.06
N ARG C 273 22.62 -7.32 -14.09
CA ARG C 273 23.34 -7.62 -15.33
C ARG C 273 22.40 -8.16 -16.40
N HIS C 274 21.55 -9.12 -16.01
CA HIS C 274 20.55 -9.65 -16.92
C HIS C 274 19.64 -8.56 -17.49
N LEU C 275 19.16 -7.66 -16.63
CA LEU C 275 18.29 -6.60 -17.14
C LEU C 275 19.04 -5.68 -18.10
N ALA C 276 20.30 -5.40 -17.80
CA ALA C 276 21.09 -4.57 -18.71
C ALA C 276 21.29 -5.27 -20.06
N GLU C 277 21.55 -6.58 -20.03
CA GLU C 277 21.83 -7.33 -21.25
C GLU C 277 20.57 -7.46 -22.11
N GLU C 278 19.42 -7.66 -21.46
CA GLU C 278 18.16 -7.69 -22.21
C GLU C 278 17.87 -6.33 -22.82
N SER C 279 18.12 -5.24 -22.07
CA SER C 279 17.89 -3.91 -22.62
C SER C 279 18.77 -3.71 -23.85
N GLU C 280 20.05 -4.07 -23.75
CA GLU C 280 20.97 -3.89 -24.87
C GLU C 280 20.53 -4.70 -26.08
N ALA C 281 20.13 -5.95 -25.86
CA ALA C 281 19.76 -6.84 -26.96
C ALA C 281 18.50 -6.35 -27.65
N LEU C 282 17.59 -5.75 -26.90
CA LEU C 282 16.31 -5.31 -27.46
C LEU C 282 16.31 -3.85 -27.91
N GLY C 283 17.44 -3.17 -27.80
CA GLY C 283 17.56 -1.84 -28.33
C GLY C 283 16.93 -0.74 -27.50
N VAL C 284 16.70 -0.96 -26.21
CA VAL C 284 16.25 0.11 -25.33
C VAL C 284 17.41 0.53 -24.45
N ASN C 285 17.21 1.64 -23.75
CA ASN C 285 18.28 2.21 -22.95
C ASN C 285 18.71 1.25 -21.84
N ALA C 286 20.02 1.05 -21.71
CA ALA C 286 20.56 0.14 -20.71
C ALA C 286 21.36 0.87 -19.63
N GLU C 287 21.41 2.20 -19.67
CA GLU C 287 22.21 2.94 -18.69
C GLU C 287 21.71 2.75 -17.27
N LEU C 288 20.38 2.69 -17.07
CA LEU C 288 19.90 2.54 -15.71
C LEU C 288 20.31 1.20 -15.11
N PRO C 289 20.03 0.05 -15.73
CA PRO C 289 20.47 -1.20 -15.11
C PRO C 289 21.99 -1.33 -15.04
N ARG C 290 22.73 -0.78 -16.02
CA ARG C 290 24.18 -0.79 -15.89
C ARG C 290 24.64 -0.02 -14.66
N PHE C 291 24.00 1.12 -14.38
CA PHE C 291 24.34 1.90 -13.18
C PHE C 291 24.04 1.11 -11.91
N LEU C 292 22.86 0.47 -11.85
CA LEU C 292 22.53 -0.37 -10.70
C LEU C 292 23.57 -1.47 -10.52
N GLN C 293 23.94 -2.12 -11.63
CA GLN C 293 24.92 -3.20 -11.59
C GLN C 293 26.25 -2.71 -11.03
N LEU C 294 26.68 -1.51 -11.45
CA LEU C 294 27.96 -1.00 -11.00
C LEU C 294 27.96 -0.67 -9.51
N LEU C 295 26.85 -0.10 -9.01
CA LEU C 295 26.78 0.16 -7.58
C LEU C 295 26.83 -1.14 -6.77
N ALA C 296 26.09 -2.15 -7.21
CA ALA C 296 26.16 -3.44 -6.53
C ALA C 296 27.57 -4.01 -6.61
N GLY C 297 28.23 -3.84 -7.75
CA GLY C 297 29.60 -4.30 -7.88
C GLY C 297 30.55 -3.64 -6.89
N ARG C 298 30.33 -2.36 -6.61
CA ARG C 298 31.15 -1.69 -5.60
C ARG C 298 30.97 -2.34 -4.24
N ALA C 299 29.71 -2.59 -3.86
CA ALA C 299 29.51 -3.28 -2.59
C ALA C 299 30.18 -4.65 -2.58
N VAL C 300 30.08 -5.39 -3.69
CA VAL C 300 30.70 -6.70 -3.76
C VAL C 300 32.22 -6.59 -3.59
N ALA C 301 32.83 -5.58 -4.20
CA ALA C 301 34.28 -5.42 -4.09
C ALA C 301 34.74 -5.01 -2.68
N GLU C 302 33.84 -4.43 -1.88
CA GLU C 302 34.16 -3.99 -0.52
C GLU C 302 33.71 -5.00 0.54
N GLY C 303 33.49 -6.25 0.14
CA GLY C 303 33.29 -7.34 1.05
C GLY C 303 31.85 -7.74 1.29
N HIS C 304 30.90 -7.23 0.51
CA HIS C 304 29.49 -7.48 0.79
C HIS C 304 28.85 -8.43 -0.22
N ALA C 305 29.65 -9.31 -0.85
CA ALA C 305 29.07 -10.23 -1.82
C ALA C 305 27.99 -11.10 -1.21
N GLU C 306 28.12 -11.47 0.06
CA GLU C 306 27.16 -12.34 0.71
C GLU C 306 26.20 -11.56 1.61
N SER C 307 26.27 -10.23 1.60
CA SER C 307 25.35 -9.41 2.38
C SER C 307 24.05 -9.17 1.62
N GLY C 308 23.04 -8.72 2.35
CA GLY C 308 21.79 -8.33 1.71
C GLY C 308 21.86 -6.92 1.15
N TYR C 309 20.76 -6.53 0.51
CA TYR C 309 20.75 -5.30 -0.28
C TYR C 309 21.03 -4.06 0.58
N SER C 310 20.66 -4.08 1.86
CA SER C 310 20.86 -2.90 2.69
C SER C 310 22.32 -2.47 2.78
N ALA C 311 23.26 -3.39 2.55
CA ALA C 311 24.67 -3.00 2.59
C ALA C 311 24.99 -1.91 1.57
N LEU C 312 24.16 -1.75 0.53
CA LEU C 312 24.37 -0.66 -0.42
C LEU C 312 24.38 0.71 0.24
N VAL C 313 23.82 0.86 1.45
CA VAL C 313 23.83 2.18 2.09
C VAL C 313 25.26 2.68 2.22
N GLU C 314 26.24 1.77 2.36
CA GLU C 314 27.61 2.24 2.51
C GLU C 314 28.12 2.90 1.24
N GLN C 315 27.65 2.43 0.08
CA GLN C 315 28.02 3.08 -1.17
C GLN C 315 27.37 4.44 -1.30
N PHE C 316 26.19 4.64 -0.72
CA PHE C 316 25.57 5.94 -0.84
C PHE C 316 26.12 6.94 0.16
N ARG C 317 26.77 6.47 1.22
CA ARG C 317 27.40 7.36 2.20
C ARG C 317 28.70 7.98 1.67
N LYS C 318 29.30 7.35 0.66
CA LYS C 318 30.67 7.65 0.26
C LYS C 318 30.69 8.47 -1.02
N ALA C 319 31.22 9.69 -0.93
CA ALA C 319 31.34 10.57 -2.09
C ALA C 319 32.24 9.95 -3.16
N GLY D 31 -10.14 -35.07 -10.71
CA GLY D 31 -9.34 -34.66 -9.56
C GLY D 31 -8.12 -33.85 -9.94
N PRO D 32 -7.17 -33.73 -9.01
CA PRO D 32 -5.92 -33.01 -9.31
C PRO D 32 -5.14 -33.72 -10.41
N ALA D 33 -4.62 -32.94 -11.35
CA ALA D 33 -3.88 -33.48 -12.48
C ALA D 33 -2.60 -34.16 -12.02
N ALA D 34 -2.16 -35.14 -12.79
CA ALA D 34 -0.84 -35.69 -12.58
C ALA D 34 0.21 -34.69 -13.05
N VAL D 35 1.30 -34.58 -12.30
CA VAL D 35 2.35 -33.63 -12.63
C VAL D 35 3.69 -34.32 -12.45
N THR D 36 4.66 -33.93 -13.27
CA THR D 36 6.03 -34.38 -13.14
C THR D 36 6.92 -33.17 -12.89
N VAL D 37 7.88 -33.31 -11.98
CA VAL D 37 8.86 -32.26 -11.70
C VAL D 37 10.24 -32.82 -12.04
N LEU D 38 10.94 -32.13 -12.93
CA LEU D 38 12.30 -32.48 -13.31
C LEU D 38 13.25 -31.47 -12.67
N GLY D 39 14.13 -31.95 -11.79
CA GLY D 39 15.00 -31.06 -11.05
C GLY D 39 14.56 -30.93 -9.61
N LEU D 40 15.36 -31.47 -8.68
CA LEU D 40 15.01 -31.41 -7.27
C LEU D 40 16.11 -30.74 -6.47
N GLY D 41 16.59 -29.60 -6.96
CA GLY D 41 17.40 -28.71 -6.16
C GLY D 41 16.56 -27.99 -5.14
N ARG D 42 17.07 -26.92 -4.55
CA ARG D 42 16.35 -26.24 -3.49
C ARG D 42 14.99 -25.76 -3.95
N MET D 43 14.90 -25.27 -5.19
CA MET D 43 13.61 -24.79 -5.70
C MET D 43 12.74 -25.93 -6.21
N GLY D 44 13.29 -26.78 -7.08
CA GLY D 44 12.49 -27.89 -7.61
C GLY D 44 11.91 -28.77 -6.51
N SER D 45 12.68 -28.98 -5.43
CA SER D 45 12.19 -29.76 -4.31
C SER D 45 10.98 -29.11 -3.67
N ALA D 46 10.99 -27.77 -3.58
CA ALA D 46 9.86 -27.05 -3.03
C ALA D 46 8.65 -27.12 -3.94
N LEU D 47 8.87 -27.05 -5.25
CA LEU D 47 7.75 -27.18 -6.18
C LEU D 47 7.10 -28.55 -6.05
N ALA D 48 7.92 -29.60 -6.08
CA ALA D 48 7.40 -30.95 -5.94
C ALA D 48 6.67 -31.14 -4.62
N ALA D 49 7.23 -30.62 -3.53
CA ALA D 49 6.59 -30.73 -2.22
C ALA D 49 5.22 -30.05 -2.23
N ALA D 50 5.11 -28.89 -2.88
CA ALA D 50 3.84 -28.21 -2.97
C ALA D 50 2.82 -29.02 -3.74
N PHE D 51 3.21 -29.55 -4.90
CA PHE D 51 2.30 -30.40 -5.67
C PHE D 51 1.84 -31.60 -4.84
N LEU D 52 2.77 -32.23 -4.12
CA LEU D 52 2.45 -33.42 -3.34
C LEU D 52 1.50 -33.08 -2.19
N ALA D 53 1.78 -32.00 -1.48
CA ALA D 53 0.93 -31.62 -0.35
C ALA D 53 -0.47 -31.23 -0.81
N ALA D 54 -0.63 -30.75 -2.04
CA ALA D 54 -1.94 -30.40 -2.56
C ALA D 54 -2.70 -31.57 -3.16
N GLY D 55 -2.16 -32.78 -3.08
CA GLY D 55 -2.87 -33.96 -3.49
C GLY D 55 -2.67 -34.39 -4.92
N HIS D 56 -1.71 -33.80 -5.64
CA HIS D 56 -1.46 -34.25 -6.99
C HIS D 56 -0.62 -35.52 -7.00
N SER D 57 -0.93 -36.40 -7.94
CA SER D 57 -0.01 -37.50 -8.27
C SER D 57 1.26 -36.86 -8.80
N THR D 58 2.34 -36.90 -8.02
CA THR D 58 3.55 -36.15 -8.28
C THR D 58 4.70 -37.11 -8.59
N THR D 59 5.17 -37.08 -9.82
CA THR D 59 6.35 -37.83 -10.23
C THR D 59 7.56 -36.92 -10.21
N VAL D 60 8.67 -37.40 -9.67
CA VAL D 60 9.84 -36.56 -9.50
C VAL D 60 11.06 -37.24 -10.12
N TRP D 61 11.97 -36.43 -10.61
CA TRP D 61 13.22 -36.92 -11.16
C TRP D 61 14.32 -35.91 -10.90
N ASN D 62 15.52 -36.42 -10.59
CA ASN D 62 16.71 -35.59 -10.45
C ASN D 62 17.91 -36.36 -10.99
N ARG D 63 18.84 -35.62 -11.59
CA ARG D 63 20.08 -36.24 -12.07
C ARG D 63 20.76 -37.03 -10.97
N THR D 64 20.82 -36.47 -9.76
CA THR D 64 21.37 -37.17 -8.61
C THR D 64 20.22 -37.81 -7.83
N PRO D 65 20.03 -39.13 -7.89
CA PRO D 65 18.75 -39.71 -7.41
C PRO D 65 18.46 -39.50 -5.95
N GLY D 66 19.48 -39.39 -5.10
CA GLY D 66 19.27 -39.27 -3.67
C GLY D 66 18.43 -38.07 -3.29
N LYS D 67 18.44 -37.03 -4.13
CA LYS D 67 17.66 -35.83 -3.83
C LYS D 67 16.16 -36.10 -3.87
N ALA D 68 15.73 -37.23 -4.45
CA ALA D 68 14.31 -37.60 -4.42
C ALA D 68 13.92 -38.45 -3.22
N ASP D 69 14.90 -38.93 -2.44
CA ASP D 69 14.62 -39.88 -1.37
C ASP D 69 13.49 -39.41 -0.46
N GLU D 70 13.66 -38.25 0.16
CA GLU D 70 12.64 -37.73 1.07
C GLU D 70 11.29 -37.60 0.37
N LEU D 71 11.26 -37.01 -0.83
CA LEU D 71 9.96 -36.83 -1.49
C LEU D 71 9.33 -38.18 -1.80
N ALA D 72 10.16 -39.16 -2.19
CA ALA D 72 9.60 -40.48 -2.45
C ALA D 72 9.04 -41.09 -1.18
N ALA D 73 9.67 -40.79 -0.03
CA ALA D 73 9.18 -41.31 1.24
C ALA D 73 7.84 -40.70 1.63
N ARG D 74 7.48 -39.54 1.05
CA ARG D 74 6.26 -38.87 1.41
C ARG D 74 5.13 -39.14 0.42
N GLY D 75 5.36 -39.99 -0.57
CA GLY D 75 4.34 -40.35 -1.53
C GLY D 75 4.62 -39.92 -2.94
N ALA D 76 5.68 -39.14 -3.19
CA ALA D 76 6.03 -38.85 -4.57
C ALA D 76 6.51 -40.11 -5.26
N ARG D 77 6.32 -40.14 -6.57
CA ARG D 77 6.67 -41.29 -7.39
C ARG D 77 8.04 -41.02 -7.99
N ARG D 78 9.02 -41.85 -7.64
CA ARG D 78 10.40 -41.63 -8.05
C ARG D 78 10.59 -42.26 -9.43
N ALA D 79 10.78 -41.44 -10.46
CA ALA D 79 11.03 -41.95 -11.80
C ALA D 79 12.49 -42.31 -11.96
N GLY D 80 12.76 -43.32 -12.78
CA GLY D 80 14.13 -43.80 -12.96
C GLY D 80 14.88 -43.10 -14.08
N SER D 81 14.15 -42.40 -14.94
CA SER D 81 14.74 -41.73 -16.09
C SER D 81 13.89 -40.52 -16.45
N VAL D 82 14.50 -39.61 -17.22
CA VAL D 82 13.75 -38.47 -17.73
C VAL D 82 12.60 -38.94 -18.61
N ALA D 83 12.83 -39.96 -19.43
CA ALA D 83 11.76 -40.44 -20.31
C ALA D 83 10.59 -40.99 -19.52
N GLU D 84 10.86 -41.79 -18.49
CA GLU D 84 9.80 -42.28 -17.61
C GLU D 84 9.04 -41.13 -16.95
N ALA D 85 9.77 -40.14 -16.46
CA ALA D 85 9.13 -39.02 -15.77
C ALA D 85 8.22 -38.24 -16.72
N VAL D 86 8.70 -37.95 -17.93
CA VAL D 86 7.91 -37.19 -18.90
C VAL D 86 6.69 -38.01 -19.32
N ALA D 87 6.84 -39.32 -19.47
CA ALA D 87 5.71 -40.17 -19.82
C ALA D 87 4.69 -40.27 -18.68
N ALA D 88 5.09 -39.95 -17.44
CA ALA D 88 4.21 -40.18 -16.30
C ALA D 88 3.07 -39.16 -16.17
N ALA D 89 3.17 -37.99 -16.80
CA ALA D 89 2.20 -36.93 -16.54
C ALA D 89 2.08 -36.05 -17.77
N PRO D 90 0.90 -35.46 -18.01
CA PRO D 90 0.77 -34.54 -19.15
C PRO D 90 1.37 -33.17 -18.88
N LEU D 91 1.61 -32.83 -17.61
CA LEU D 91 2.18 -31.54 -17.22
C LEU D 91 3.58 -31.79 -16.67
N VAL D 92 4.58 -31.24 -17.34
CA VAL D 92 5.99 -31.48 -17.03
C VAL D 92 6.63 -30.15 -16.63
N VAL D 93 6.98 -30.02 -15.35
CA VAL D 93 7.58 -28.80 -14.83
C VAL D 93 9.09 -29.03 -14.69
N VAL D 94 9.89 -28.15 -15.28
CA VAL D 94 11.35 -28.26 -15.26
C VAL D 94 11.94 -27.12 -14.44
N CYS D 95 12.82 -27.46 -13.50
CA CYS D 95 13.47 -26.43 -12.68
C CYS D 95 14.89 -26.90 -12.38
N VAL D 96 15.81 -26.58 -13.30
CA VAL D 96 17.22 -26.95 -13.14
C VAL D 96 18.07 -25.69 -13.24
N ALA D 97 19.40 -25.85 -13.29
CA ALA D 97 20.27 -24.69 -13.06
C ALA D 97 20.14 -23.63 -14.15
N ASP D 98 20.12 -24.02 -15.41
CA ASP D 98 20.15 -23.05 -16.52
C ASP D 98 19.67 -23.72 -17.79
N ASP D 99 19.59 -22.94 -18.87
CA ASP D 99 19.06 -23.44 -20.14
C ASP D 99 19.90 -24.58 -20.70
N GLU D 100 21.23 -24.50 -20.53
CA GLU D 100 22.09 -25.59 -20.98
C GLU D 100 21.65 -26.90 -20.36
N ALA D 101 21.36 -26.89 -19.05
CA ALA D 101 20.93 -28.10 -18.37
C ALA D 101 19.57 -28.57 -18.89
N VAL D 102 18.65 -27.63 -19.11
CA VAL D 102 17.33 -27.98 -19.65
C VAL D 102 17.50 -28.80 -20.93
N HIS D 103 18.37 -28.32 -21.82
CA HIS D 103 18.50 -29.01 -23.10
C HIS D 103 19.32 -30.28 -22.98
N GLN D 104 20.25 -30.33 -22.03
CA GLN D 104 20.98 -31.56 -21.79
C GLN D 104 20.03 -32.69 -21.40
N LEU D 105 19.03 -32.38 -20.57
CA LEU D 105 18.17 -33.46 -20.12
C LEU D 105 16.98 -33.70 -21.03
N LEU D 106 16.58 -32.72 -21.86
CA LEU D 106 15.41 -32.90 -22.71
C LEU D 106 15.74 -33.24 -24.16
N ASP D 107 16.81 -32.69 -24.73
CA ASP D 107 17.15 -32.99 -26.12
C ASP D 107 17.21 -34.48 -26.45
N PRO D 108 17.78 -35.37 -25.62
CA PRO D 108 17.86 -36.78 -26.01
C PRO D 108 16.51 -37.46 -26.20
N LEU D 109 15.41 -36.87 -25.74
CA LEU D 109 14.11 -37.50 -25.91
C LEU D 109 13.70 -37.55 -27.38
N ASP D 110 12.94 -38.59 -27.73
CA ASP D 110 12.54 -38.87 -29.10
C ASP D 110 11.03 -39.11 -29.10
N GLY D 111 10.27 -38.04 -29.36
CA GLY D 111 8.83 -38.14 -29.41
C GLY D 111 8.14 -38.23 -28.05
N ALA D 112 8.88 -38.06 -26.96
CA ALA D 112 8.29 -38.24 -25.63
C ALA D 112 7.44 -37.04 -25.22
N LEU D 113 7.77 -35.85 -25.69
CA LEU D 113 7.09 -34.62 -25.29
C LEU D 113 5.79 -34.36 -26.06
N ALA D 114 5.53 -35.13 -27.12
CA ALA D 114 4.39 -34.84 -27.98
C ALA D 114 3.09 -34.89 -27.19
N GLY D 115 2.26 -33.86 -27.36
CA GLY D 115 0.99 -33.76 -26.68
C GLY D 115 1.05 -33.29 -25.24
N ARG D 116 2.24 -33.09 -24.70
CA ARG D 116 2.40 -32.67 -23.32
C ARG D 116 2.62 -31.16 -23.22
N THR D 117 2.49 -30.65 -22.01
CA THR D 117 2.70 -29.24 -21.70
C THR D 117 3.95 -29.11 -20.86
N LEU D 118 4.98 -28.47 -21.42
CA LEU D 118 6.25 -28.22 -20.73
C LEU D 118 6.21 -26.83 -20.08
N VAL D 119 6.46 -26.78 -18.78
CA VAL D 119 6.51 -25.53 -18.02
C VAL D 119 7.94 -25.38 -17.50
N ASN D 120 8.69 -24.43 -18.07
CA ASN D 120 10.08 -24.24 -17.71
C ASN D 120 10.20 -23.09 -16.72
N LEU D 121 10.46 -23.43 -15.45
CA LEU D 121 10.70 -22.47 -14.38
C LEU D 121 12.19 -22.25 -14.16
N THR D 122 13.04 -22.83 -14.99
CA THR D 122 14.47 -22.51 -14.98
C THR D 122 14.70 -21.04 -15.35
N THR D 123 15.59 -20.38 -14.61
CA THR D 123 15.93 -19.01 -14.96
C THR D 123 16.63 -18.95 -16.30
N GLY D 124 16.19 -18.03 -17.16
CA GLY D 124 16.80 -17.85 -18.46
C GLY D 124 16.44 -16.50 -19.05
N THR D 125 16.93 -16.27 -20.26
CA THR D 125 16.71 -15.02 -20.97
C THR D 125 15.45 -15.10 -21.83
N SER D 126 15.00 -13.93 -22.31
CA SER D 126 13.81 -13.91 -23.17
C SER D 126 14.09 -14.60 -24.51
N ALA D 127 15.31 -14.48 -25.01
CA ALA D 127 15.68 -15.17 -26.24
C ALA D 127 15.68 -16.68 -26.04
N GLN D 128 16.20 -17.15 -24.92
CA GLN D 128 16.17 -18.59 -24.64
C GLN D 128 14.73 -19.08 -24.55
N ALA D 129 13.85 -18.30 -23.94
CA ALA D 129 12.45 -18.70 -23.83
C ALA D 129 11.78 -18.78 -25.19
N ARG D 130 12.04 -17.80 -26.06
CA ARG D 130 11.43 -17.81 -27.39
C ARG D 130 11.98 -18.95 -28.24
N ALA D 131 13.29 -19.21 -28.14
CA ALA D 131 13.88 -20.38 -28.79
C ALA D 131 13.25 -21.67 -28.28
N ASN D 132 13.02 -21.76 -26.97
CA ASN D 132 12.43 -22.98 -26.40
C ASN D 132 11.00 -23.16 -26.87
N ALA D 133 10.26 -22.07 -27.03
CA ALA D 133 8.91 -22.16 -27.57
C ALA D 133 8.93 -22.82 -28.95
N ALA D 134 9.81 -22.34 -29.84
CA ALA D 134 9.91 -22.96 -31.17
C ALA D 134 10.37 -24.42 -31.06
N TRP D 135 11.40 -24.68 -30.24
CA TRP D 135 11.90 -26.03 -30.02
C TRP D 135 10.80 -26.99 -29.57
N ALA D 136 9.93 -26.54 -28.67
CA ALA D 136 8.86 -27.38 -28.16
C ALA D 136 7.77 -27.58 -29.20
N LYS D 137 7.48 -26.54 -29.99
CA LYS D 137 6.48 -26.72 -31.04
C LYS D 137 6.94 -27.75 -32.07
N GLU D 138 8.25 -27.81 -32.35
CA GLU D 138 8.74 -28.83 -33.27
C GLU D 138 8.50 -30.24 -32.75
N ARG D 139 8.45 -30.40 -31.42
CA ARG D 139 8.27 -31.69 -30.78
C ARG D 139 6.83 -31.96 -30.38
N GLY D 140 5.89 -31.13 -30.83
CA GLY D 140 4.50 -31.36 -30.55
C GLY D 140 4.07 -31.07 -29.13
N ALA D 141 4.84 -30.27 -28.41
CA ALA D 141 4.53 -29.93 -27.03
C ALA D 141 4.15 -28.47 -26.91
N ALA D 142 3.23 -28.21 -25.99
CA ALA D 142 2.94 -26.85 -25.56
C ALA D 142 4.02 -26.41 -24.59
N PHE D 143 4.31 -25.10 -24.58
CA PHE D 143 5.42 -24.60 -23.77
C PHE D 143 5.01 -23.31 -23.07
N LEU D 144 5.12 -23.30 -21.75
CA LEU D 144 5.00 -22.08 -20.95
C LEU D 144 6.35 -21.81 -20.30
N ASP D 145 6.86 -20.61 -20.46
CA ASP D 145 8.07 -20.26 -19.74
C ASP D 145 7.58 -19.53 -18.50
N GLY D 146 8.21 -19.78 -17.37
CA GLY D 146 7.78 -19.20 -16.12
C GLY D 146 8.93 -18.56 -15.38
N ALA D 147 8.57 -17.58 -14.55
CA ALA D 147 9.52 -16.86 -13.71
C ALA D 147 8.99 -16.91 -12.29
N ILE D 148 9.77 -17.51 -11.40
CA ILE D 148 9.43 -17.61 -9.99
C ILE D 148 9.92 -16.36 -9.26
N MET D 149 8.97 -15.64 -8.66
CA MET D 149 9.19 -14.44 -7.89
C MET D 149 8.89 -14.82 -6.44
N ALA D 150 9.77 -15.65 -5.90
CA ALA D 150 9.66 -16.26 -4.57
C ALA D 150 10.95 -17.00 -4.24
N VAL D 151 11.20 -17.18 -2.94
CA VAL D 151 12.24 -18.11 -2.48
C VAL D 151 11.58 -19.46 -2.23
N PRO D 152 12.35 -20.54 -2.15
CA PRO D 152 11.73 -21.87 -2.00
C PRO D 152 10.73 -21.98 -0.86
N GLU D 153 11.05 -21.41 0.29
CA GLU D 153 10.14 -21.54 1.43
C GLU D 153 8.86 -20.74 1.27
N ASP D 154 8.79 -19.80 0.32
CA ASP D 154 7.52 -19.11 0.12
C ASP D 154 6.66 -19.72 -0.97
N ILE D 155 7.15 -20.76 -1.66
CA ILE D 155 6.29 -21.50 -2.57
C ILE D 155 5.07 -22.00 -1.81
N ALA D 156 3.90 -21.88 -2.42
CA ALA D 156 2.60 -22.27 -1.93
C ALA D 156 2.05 -21.28 -0.90
N THR D 157 2.77 -20.21 -0.55
CA THR D 157 2.22 -19.19 0.34
C THR D 157 1.62 -18.05 -0.47
N GLY D 158 0.91 -17.17 0.24
CA GLY D 158 0.31 -16.02 -0.42
C GLY D 158 1.30 -14.97 -0.86
N ASP D 159 2.56 -15.07 -0.43
CA ASP D 159 3.58 -14.12 -0.88
C ASP D 159 4.20 -14.49 -2.22
N ALA D 160 4.06 -15.74 -2.65
CA ALA D 160 4.68 -16.18 -3.90
C ALA D 160 3.99 -15.57 -5.12
N VAL D 161 4.78 -15.26 -6.15
CA VAL D 161 4.25 -14.89 -7.45
C VAL D 161 4.97 -15.74 -8.49
N LEU D 162 4.21 -16.33 -9.41
CA LEU D 162 4.80 -17.03 -10.56
C LEU D 162 4.17 -16.46 -11.81
N LEU D 163 5.03 -16.01 -12.74
CA LEU D 163 4.61 -15.41 -14.00
C LEU D 163 4.80 -16.41 -15.12
N TYR D 164 3.81 -16.52 -15.99
CA TYR D 164 3.84 -17.48 -17.10
C TYR D 164 3.63 -16.75 -18.42
N SER D 165 4.26 -17.27 -19.47
CA SER D 165 4.03 -16.74 -20.81
C SER D 165 4.15 -17.88 -21.82
N GLY D 166 3.35 -17.79 -22.87
CA GLY D 166 3.17 -18.89 -23.80
C GLY D 166 1.70 -19.07 -24.13
N PRO D 167 1.36 -20.14 -24.86
CA PRO D 167 -0.03 -20.31 -25.32
C PRO D 167 -1.03 -20.29 -24.17
N ARG D 168 -2.01 -19.40 -24.27
CA ARG D 168 -3.00 -19.25 -23.21
C ARG D 168 -3.80 -20.52 -22.97
N ASP D 169 -4.02 -21.33 -24.01
CA ASP D 169 -4.82 -22.54 -23.82
C ASP D 169 -4.15 -23.52 -22.85
N ALA D 170 -2.82 -23.63 -22.91
CA ALA D 170 -2.11 -24.50 -21.99
C ALA D 170 -2.20 -23.99 -20.56
N PHE D 171 -2.05 -22.67 -20.38
CA PHE D 171 -2.22 -22.10 -19.04
C PHE D 171 -3.61 -22.37 -18.50
N ASP D 172 -4.64 -22.14 -19.32
CA ASP D 172 -6.00 -22.35 -18.83
C ASP D 172 -6.23 -23.81 -18.48
N ALA D 173 -5.65 -24.72 -19.26
CA ALA D 173 -5.82 -26.14 -18.99
C ALA D 173 -5.19 -26.54 -17.66
N TYR D 174 -4.04 -25.94 -17.32
CA TYR D 174 -3.34 -26.40 -16.12
C TYR D 174 -3.27 -25.37 -14.99
N GLU D 175 -4.11 -24.33 -15.02
CA GLU D 175 -4.03 -23.32 -13.96
C GLU D 175 -4.36 -23.90 -12.60
N GLU D 176 -5.39 -24.77 -12.52
CA GLU D 176 -5.74 -25.37 -11.24
C GLU D 176 -4.56 -26.10 -10.63
N ALA D 177 -3.73 -26.75 -11.45
CA ALA D 177 -2.54 -27.41 -10.96
C ALA D 177 -1.44 -26.40 -10.62
N LEU D 178 -1.15 -25.48 -11.54
CA LEU D 178 -0.05 -24.55 -11.35
C LEU D 178 -0.29 -23.61 -10.17
N ARG D 179 -1.55 -23.29 -9.88
CA ARG D 179 -1.80 -22.30 -8.84
C ARG D 179 -1.41 -22.79 -7.45
N VAL D 180 -1.19 -24.10 -7.25
CA VAL D 180 -0.78 -24.54 -5.92
C VAL D 180 0.59 -23.98 -5.56
N LEU D 181 1.41 -23.63 -6.56
CA LEU D 181 2.72 -23.04 -6.29
C LEU D 181 2.62 -21.58 -5.82
N ALA D 182 1.57 -20.87 -6.23
CA ALA D 182 1.38 -19.47 -5.84
C ALA D 182 -0.12 -19.17 -5.90
N PRO D 183 -0.86 -19.56 -4.87
CA PRO D 183 -2.33 -19.47 -4.94
C PRO D 183 -2.84 -18.07 -5.17
N ALA D 184 -2.12 -17.06 -4.68
CA ALA D 184 -2.54 -15.67 -4.82
C ALA D 184 -1.69 -14.90 -5.81
N GLY D 185 -0.90 -15.59 -6.64
CA GLY D 185 0.01 -14.86 -7.50
C GLY D 185 0.39 -15.56 -8.78
N THR D 186 -0.49 -16.43 -9.27
CA THR D 186 -0.28 -17.16 -10.51
C THR D 186 -0.84 -16.34 -11.65
N THR D 187 0.04 -15.89 -12.55
CA THR D 187 -0.33 -14.87 -13.52
C THR D 187 0.12 -15.24 -14.92
N HIS D 188 -0.80 -15.26 -15.88
CA HIS D 188 -0.45 -15.43 -17.29
C HIS D 188 -0.31 -14.06 -17.96
N LEU D 189 0.81 -13.86 -18.66
CA LEU D 189 1.14 -12.55 -19.22
C LEU D 189 0.75 -12.38 -20.68
N GLY D 190 0.65 -13.46 -21.43
CA GLY D 190 0.41 -13.36 -22.86
C GLY D 190 1.14 -14.46 -23.61
N GLY D 191 1.01 -14.46 -24.95
CA GLY D 191 1.42 -15.61 -25.73
C GLY D 191 2.89 -15.68 -26.12
N ASP D 192 3.57 -14.52 -26.16
CA ASP D 192 5.01 -14.47 -26.40
C ASP D 192 5.74 -15.14 -25.24
N ALA D 193 6.47 -16.21 -25.51
CA ALA D 193 7.13 -16.94 -24.43
C ALA D 193 8.17 -16.10 -23.70
N GLY D 194 8.68 -15.03 -24.30
CA GLY D 194 9.70 -14.26 -23.62
C GLY D 194 9.20 -13.26 -22.60
N LEU D 195 7.88 -13.16 -22.42
CA LEU D 195 7.33 -12.10 -21.58
C LEU D 195 7.66 -12.30 -20.11
N ALA D 196 7.64 -13.56 -19.64
CA ALA D 196 7.87 -13.82 -18.23
C ALA D 196 9.25 -13.31 -17.79
N ALA D 197 10.28 -13.67 -18.55
CA ALA D 197 11.62 -13.22 -18.21
C ALA D 197 11.70 -11.70 -18.20
N LEU D 198 11.05 -11.05 -19.18
CA LEU D 198 11.12 -9.61 -19.24
C LEU D 198 10.35 -8.97 -18.08
N HIS D 199 9.18 -9.51 -17.75
CA HIS D 199 8.39 -8.91 -16.68
C HIS D 199 9.10 -9.04 -15.35
N ASP D 200 9.69 -10.22 -15.09
CA ASP D 200 10.41 -10.46 -13.85
C ASP D 200 11.47 -9.38 -13.68
N LEU D 201 12.28 -9.17 -14.73
CA LEU D 201 13.36 -8.19 -14.63
C LEU D 201 12.81 -6.79 -14.46
N ALA D 202 11.72 -6.47 -15.17
CA ALA D 202 11.19 -5.11 -15.09
C ALA D 202 10.64 -4.86 -13.69
N LEU D 203 10.04 -5.90 -13.08
CA LEU D 203 9.53 -5.72 -11.73
C LEU D 203 10.68 -5.59 -10.74
N LEU D 204 11.78 -6.32 -10.97
CA LEU D 204 12.91 -6.16 -10.07
C LEU D 204 13.48 -4.76 -10.20
N GLY D 205 13.40 -4.19 -11.41
CA GLY D 205 13.88 -2.83 -11.61
C GLY D 205 13.16 -1.86 -10.71
N ILE D 206 11.85 -2.06 -10.54
CA ILE D 206 11.09 -1.20 -9.65
C ILE D 206 11.57 -1.34 -8.23
N MET D 207 11.82 -2.59 -7.80
CA MET D 207 12.27 -2.82 -6.44
C MET D 207 13.60 -2.13 -6.22
N TRP D 208 14.50 -2.21 -7.22
CA TRP D 208 15.79 -1.57 -7.00
C TRP D 208 15.62 -0.06 -6.94
N GLY D 209 14.69 0.46 -7.74
CA GLY D 209 14.41 1.88 -7.69
C GLY D 209 13.97 2.34 -6.31
N VAL D 210 13.07 1.58 -5.68
CA VAL D 210 12.62 1.94 -4.35
C VAL D 210 13.77 1.86 -3.37
N LEU D 211 14.50 0.74 -3.41
CA LEU D 211 15.46 0.50 -2.34
C LEU D 211 16.61 1.49 -2.44
N ASN D 212 17.07 1.78 -3.66
CA ASN D 212 18.13 2.76 -3.82
C ASN D 212 17.67 4.12 -3.32
N GLY D 213 16.42 4.47 -3.62
CA GLY D 213 15.90 5.75 -3.15
C GLY D 213 15.86 5.79 -1.63
N PHE D 214 15.45 4.68 -1.01
CA PHE D 214 15.45 4.65 0.44
C PHE D 214 16.87 4.76 0.99
N LEU D 215 17.80 3.98 0.41
CA LEU D 215 19.12 3.90 1.03
C LEU D 215 19.91 5.18 0.81
N HIS D 216 19.78 5.77 -0.40
CA HIS D 216 20.40 7.07 -0.61
C HIS D 216 19.78 8.12 0.31
N GLY D 217 18.45 8.08 0.47
CA GLY D 217 17.81 9.03 1.37
C GLY D 217 18.29 8.83 2.79
N ALA D 218 18.50 7.56 3.18
CA ALA D 218 18.96 7.28 4.52
C ALA D 218 20.38 7.78 4.71
N ALA D 219 21.21 7.67 3.67
CA ALA D 219 22.55 8.23 3.76
C ALA D 219 22.50 9.74 3.93
N LEU D 220 21.67 10.40 3.13
CA LEU D 220 21.62 11.86 3.15
C LEU D 220 21.14 12.35 4.52
N LEU D 221 20.05 11.76 4.99
CA LEU D 221 19.49 12.18 6.25
C LEU D 221 20.36 11.77 7.43
N GLY D 222 21.17 10.71 7.25
CA GLY D 222 22.08 10.33 8.32
C GLY D 222 23.09 11.41 8.62
N THR D 223 23.40 12.28 7.64
CA THR D 223 24.34 13.35 7.94
C THR D 223 23.78 14.34 8.94
N ALA D 224 22.45 14.40 9.08
CA ALA D 224 21.80 15.25 10.06
C ALA D 224 21.38 14.49 11.32
N GLY D 225 21.87 13.25 11.48
CA GLY D 225 21.54 12.46 12.65
C GLY D 225 20.23 11.71 12.60
N VAL D 226 19.59 11.66 11.44
CA VAL D 226 18.31 10.96 11.31
C VAL D 226 18.57 9.46 11.25
N ARG D 227 17.89 8.70 12.11
CA ARG D 227 17.98 7.25 12.05
C ARG D 227 17.17 6.73 10.87
N ALA D 228 17.67 5.67 10.24
CA ALA D 228 16.94 5.13 9.10
C ALA D 228 15.55 4.67 9.50
N GLY D 229 15.38 4.18 10.73
CA GLY D 229 14.06 3.80 11.22
C GLY D 229 13.10 4.95 11.43
N ASP D 230 13.62 6.17 11.58
CA ASP D 230 12.72 7.32 11.60
C ASP D 230 12.33 7.77 10.20
N PHE D 231 13.23 7.64 9.23
CA PHE D 231 12.88 7.96 7.84
C PHE D 231 11.94 6.91 7.24
N ALA D 232 12.10 5.64 7.64
CA ALA D 232 11.45 4.55 6.93
C ALA D 232 9.93 4.66 6.87
N PRO D 233 9.20 5.05 7.93
CA PRO D 233 7.74 5.16 7.77
C PRO D 233 7.34 6.16 6.70
N LEU D 234 8.06 7.29 6.62
CA LEU D 234 7.78 8.29 5.58
C LEU D 234 8.12 7.73 4.21
N ALA D 235 9.25 7.04 4.11
CA ALA D 235 9.69 6.49 2.82
C ALA D 235 8.75 5.38 2.33
N ALA D 236 8.27 4.55 3.26
CA ALA D 236 7.33 3.49 2.92
C ALA D 236 6.00 4.08 2.45
N ARG D 237 5.49 5.11 3.16
CA ARG D 237 4.25 5.74 2.72
C ARG D 237 4.42 6.39 1.36
N MET D 238 5.57 7.04 1.12
CA MET D 238 5.82 7.61 -0.19
C MET D 238 5.79 6.52 -1.26
N THR D 239 6.38 5.36 -0.96
CA THR D 239 6.37 4.27 -1.94
C THR D 239 4.95 3.86 -2.29
N THR D 240 4.12 3.69 -1.26
CA THR D 240 2.73 3.31 -1.50
C THR D 240 2.00 4.37 -2.32
N VAL D 241 2.22 5.65 -2.01
CA VAL D 241 1.59 6.73 -2.75
C VAL D 241 2.02 6.71 -4.22
N VAL D 242 3.31 6.49 -4.48
CA VAL D 242 3.80 6.55 -5.87
C VAL D 242 3.29 5.36 -6.68
N ALA D 243 2.89 4.27 -6.02
CA ALA D 243 2.22 3.20 -6.79
C ALA D 243 1.05 3.76 -7.61
N GLY D 244 0.34 4.75 -7.07
CA GLY D 244 -0.76 5.34 -7.83
C GLY D 244 -0.29 6.24 -8.95
N TYR D 245 0.90 6.83 -8.81
CA TYR D 245 1.48 7.58 -9.92
C TYR D 245 1.82 6.66 -11.08
N VAL D 246 2.15 5.40 -10.78
CA VAL D 246 2.50 4.46 -11.84
C VAL D 246 1.29 4.23 -12.76
N THR D 247 0.14 3.88 -12.17
CA THR D 247 -1.04 3.67 -12.99
C THR D 247 -1.52 4.97 -13.63
N ALA D 248 -1.34 6.12 -12.95
CA ALA D 248 -1.70 7.40 -13.57
C ALA D 248 -0.84 7.68 -14.80
N ALA D 249 0.43 7.28 -14.77
CA ALA D 249 1.31 7.57 -15.90
C ALA D 249 1.09 6.64 -17.08
N ALA D 250 0.62 5.41 -16.83
CA ALA D 250 0.56 4.42 -17.89
C ALA D 250 -0.21 4.87 -19.14
N PRO D 251 -1.42 5.45 -19.04
CA PRO D 251 -2.11 5.86 -20.27
C PRO D 251 -1.39 6.99 -21.00
N GLU D 252 -0.61 7.81 -20.29
CA GLU D 252 0.17 8.84 -20.97
C GLU D 252 1.24 8.20 -21.83
N VAL D 253 1.92 7.19 -21.29
CA VAL D 253 2.93 6.45 -22.07
C VAL D 253 2.29 5.82 -23.29
N ASP D 254 1.13 5.18 -23.12
CA ASP D 254 0.53 4.51 -24.26
C ASP D 254 0.02 5.51 -25.30
N ALA D 255 -0.41 6.69 -24.87
CA ALA D 255 -0.93 7.68 -25.82
C ALA D 255 0.16 8.49 -26.49
N GLY D 256 1.38 8.46 -25.97
CA GLY D 256 2.41 9.36 -26.46
C GLY D 256 2.11 10.81 -26.17
N SER D 257 1.35 11.09 -25.12
CA SER D 257 0.94 12.43 -24.74
C SER D 257 1.23 12.63 -23.26
N TYR D 258 2.00 13.65 -22.93
CA TYR D 258 2.59 13.77 -21.60
C TYR D 258 2.29 15.14 -20.99
N PRO D 259 1.04 15.36 -20.56
CA PRO D 259 0.71 16.63 -19.90
C PRO D 259 1.56 16.84 -18.64
N ALA D 260 1.85 18.11 -18.36
CA ALA D 260 2.71 18.42 -17.23
C ALA D 260 2.13 17.95 -15.91
N GLY D 261 0.79 17.96 -15.77
CA GLY D 261 0.23 17.71 -14.46
C GLY D 261 0.76 18.74 -13.47
N ASP D 262 1.18 18.27 -12.31
CA ASP D 262 1.62 19.15 -11.24
C ASP D 262 3.08 19.57 -11.33
N ALA D 263 3.83 19.03 -12.29
CA ALA D 263 5.26 19.36 -12.36
C ALA D 263 5.82 18.98 -13.72
N THR D 264 6.29 19.99 -14.46
CA THR D 264 7.02 19.77 -15.69
C THR D 264 8.35 19.06 -15.42
N LEU D 265 8.93 18.53 -16.49
CA LEU D 265 10.25 17.92 -16.36
C LEU D 265 11.31 18.94 -15.98
N THR D 266 11.09 20.22 -16.29
CA THR D 266 12.04 21.23 -15.84
C THR D 266 12.05 21.34 -14.32
N VAL D 267 10.86 21.34 -13.71
CA VAL D 267 10.72 21.37 -12.26
C VAL D 267 11.31 20.10 -11.64
N HIS D 268 11.03 18.94 -12.24
CA HIS D 268 11.64 17.69 -11.77
C HIS D 268 13.16 17.79 -11.81
N GLN D 269 13.71 18.20 -12.96
CA GLN D 269 15.16 18.27 -13.11
C GLN D 269 15.79 19.22 -12.12
N GLU D 270 15.15 20.35 -11.84
CA GLU D 270 15.70 21.28 -10.86
C GLU D 270 15.73 20.66 -9.47
N ALA D 271 14.67 19.93 -9.10
CA ALA D 271 14.69 19.26 -7.79
C ALA D 271 15.77 18.18 -7.75
N MET D 272 15.99 17.48 -8.86
CA MET D 272 17.05 16.48 -8.95
C MET D 272 18.41 17.13 -8.74
N ARG D 273 18.62 18.26 -9.39
CA ARG D 273 19.86 19.01 -9.20
C ARG D 273 20.03 19.41 -7.74
N HIS D 274 18.95 19.83 -7.08
CA HIS D 274 19.07 20.18 -5.66
C HIS D 274 19.41 18.95 -4.82
N LEU D 275 18.81 17.81 -5.11
CA LEU D 275 19.18 16.59 -4.39
C LEU D 275 20.67 16.27 -4.59
N ALA D 276 21.18 16.48 -5.81
CA ALA D 276 22.60 16.20 -6.06
C ALA D 276 23.50 17.20 -5.33
N GLU D 277 23.10 18.48 -5.31
CA GLU D 277 23.91 19.49 -4.65
C GLU D 277 23.89 19.32 -3.13
N GLU D 278 22.75 18.94 -2.57
CA GLU D 278 22.69 18.63 -1.14
C GLU D 278 23.59 17.45 -0.83
N SER D 279 23.56 16.42 -1.68
CA SER D 279 24.43 15.26 -1.48
C SER D 279 25.89 15.68 -1.50
N GLU D 280 26.27 16.49 -2.48
CA GLU D 280 27.67 16.90 -2.60
C GLU D 280 28.08 17.75 -1.41
N ALA D 281 27.24 18.71 -1.01
CA ALA D 281 27.59 19.59 0.09
C ALA D 281 27.71 18.83 1.40
N LEU D 282 26.83 17.86 1.62
CA LEU D 282 26.81 17.13 2.88
C LEU D 282 27.71 15.91 2.88
N GLY D 283 28.43 15.65 1.77
CA GLY D 283 29.46 14.63 1.77
C GLY D 283 29.01 13.21 1.53
N VAL D 284 27.88 13.00 0.87
CA VAL D 284 27.43 11.65 0.54
C VAL D 284 27.47 11.50 -0.97
N ASN D 285 27.21 10.28 -1.42
CA ASN D 285 27.35 10.00 -2.84
C ASN D 285 26.28 10.73 -3.63
N ALA D 286 26.69 11.41 -4.70
CA ALA D 286 25.78 12.18 -5.54
C ALA D 286 25.56 11.54 -6.90
N GLU D 287 26.13 10.37 -7.16
CA GLU D 287 26.08 9.81 -8.51
C GLU D 287 24.65 9.45 -8.91
N LEU D 288 23.83 8.95 -7.97
CA LEU D 288 22.43 8.65 -8.30
C LEU D 288 21.65 9.90 -8.69
N PRO D 289 21.57 10.96 -7.85
CA PRO D 289 20.83 12.14 -8.31
C PRO D 289 21.42 12.77 -9.56
N ARG D 290 22.74 12.74 -9.73
CA ARG D 290 23.31 13.29 -10.96
C ARG D 290 22.89 12.48 -12.18
N PHE D 291 22.74 11.17 -12.02
CA PHE D 291 22.24 10.34 -13.11
C PHE D 291 20.80 10.67 -13.45
N LEU D 292 19.95 10.80 -12.41
CA LEU D 292 18.56 11.22 -12.61
C LEU D 292 18.51 12.54 -13.36
N GLN D 293 19.34 13.49 -12.92
CA GLN D 293 19.39 14.81 -13.53
C GLN D 293 19.82 14.73 -14.99
N LEU D 294 20.78 13.86 -15.28
CA LEU D 294 21.25 13.65 -16.65
C LEU D 294 20.11 13.22 -17.57
N LEU D 295 19.36 12.19 -17.14
CA LEU D 295 18.28 11.68 -18.00
C LEU D 295 17.20 12.74 -18.19
N ALA D 296 16.76 13.37 -17.08
CA ALA D 296 15.75 14.42 -17.20
C ALA D 296 16.24 15.53 -18.12
N GLY D 297 17.54 15.85 -18.05
CA GLY D 297 18.09 16.90 -18.90
C GLY D 297 18.05 16.55 -20.37
N ARG D 298 18.25 15.26 -20.70
CA ARG D 298 18.07 14.83 -22.09
C ARG D 298 16.64 15.07 -22.55
N ALA D 299 15.67 14.73 -21.71
CA ALA D 299 14.27 14.96 -22.12
C ALA D 299 14.01 16.45 -22.31
N VAL D 300 14.56 17.28 -21.42
CA VAL D 300 14.36 18.73 -21.50
C VAL D 300 14.98 19.29 -22.77
N ALA D 301 16.17 18.79 -23.13
CA ALA D 301 16.87 19.23 -24.32
C ALA D 301 16.23 18.74 -25.61
N GLU D 302 15.32 17.75 -25.54
CA GLU D 302 14.69 17.16 -26.72
C GLU D 302 13.22 17.50 -26.82
N GLY D 303 12.84 18.67 -26.31
CA GLY D 303 11.51 19.23 -26.51
C GLY D 303 10.50 18.97 -25.43
N HIS D 304 10.89 18.38 -24.29
CA HIS D 304 9.92 18.02 -23.27
C HIS D 304 10.10 18.81 -21.99
N ALA D 305 10.67 20.01 -22.10
CA ALA D 305 10.84 20.86 -20.93
C ALA D 305 9.53 21.12 -20.20
N GLU D 306 8.41 21.22 -20.93
CA GLU D 306 7.13 21.55 -20.33
C GLU D 306 6.18 20.34 -20.26
N SER D 307 6.67 19.14 -20.56
CA SER D 307 5.90 17.91 -20.46
C SER D 307 5.98 17.33 -19.05
N GLY D 308 5.08 16.39 -18.77
CA GLY D 308 5.13 15.67 -17.52
C GLY D 308 6.19 14.58 -17.53
N TYR D 309 6.38 13.97 -16.34
CA TYR D 309 7.46 13.02 -16.14
C TYR D 309 7.38 11.83 -17.10
N SER D 310 6.18 11.43 -17.51
N SER D 310 6.18 11.44 -17.50
CA SER D 310 6.04 10.27 -18.38
CA SER D 310 6.02 10.28 -18.38
C SER D 310 6.77 10.43 -19.71
C SER D 310 6.77 10.43 -19.70
N ALA D 311 7.03 11.67 -20.14
CA ALA D 311 7.80 11.89 -21.35
C ALA D 311 9.21 11.28 -21.27
N LEU D 312 9.73 11.08 -20.07
CA LEU D 312 11.01 10.39 -19.92
C LEU D 312 11.00 8.99 -20.54
N VAL D 313 9.83 8.40 -20.81
CA VAL D 313 9.83 7.09 -21.47
C VAL D 313 10.56 7.17 -22.79
N GLU D 314 10.53 8.33 -23.46
CA GLU D 314 11.20 8.42 -24.75
C GLU D 314 12.70 8.24 -24.59
N GLN D 315 13.26 8.68 -23.46
CA GLN D 315 14.68 8.45 -23.21
C GLN D 315 14.96 6.99 -22.88
N PHE D 316 14.02 6.29 -22.23
CA PHE D 316 14.29 4.88 -21.94
C PHE D 316 14.13 4.00 -23.18
N ARG D 317 13.44 4.47 -24.23
CA ARG D 317 13.35 3.68 -25.45
C ARG D 317 14.60 3.79 -26.31
N LYS D 318 15.43 4.81 -26.11
CA LYS D 318 16.59 5.05 -26.96
C LYS D 318 17.85 4.48 -26.33
N ALA D 319 18.51 3.59 -27.06
CA ALA D 319 19.79 3.05 -26.62
C ALA D 319 20.78 4.18 -26.35
#